data_7LNS
#
_entry.id   7LNS
#
_entity_poly.entity_id   1
_entity_poly.type   'polypeptide(L)'
_entity_poly.pdbx_seq_one_letter_code
;RMCKTPSAKFKGYCVSSTNCKNVCRTEGFPTGSCDFHITSRKCYCYKPCP
;
_entity_poly.pdbx_strand_id   A
#
# COMPACT_ATOMS: atom_id res chain seq x y z
N ARG A 1 -7.65 14.86 6.91
CA ARG A 1 -6.22 14.48 6.92
C ARG A 1 -5.96 13.34 5.93
N MET A 2 -4.73 13.21 5.48
CA MET A 2 -4.35 12.11 4.64
C MET A 2 -3.29 11.28 5.36
N CYS A 3 -3.52 10.00 5.48
CA CYS A 3 -2.61 9.13 6.22
C CYS A 3 -1.98 8.09 5.32
N LYS A 4 -0.85 7.56 5.75
CA LYS A 4 -0.17 6.50 5.06
C LYS A 4 -0.41 5.20 5.80
N THR A 5 -0.75 4.16 5.07
CA THR A 5 -1.02 2.89 5.68
C THR A 5 -0.37 1.76 4.90
N PRO A 6 0.42 0.92 5.59
CA PRO A 6 1.05 -0.24 4.96
C PRO A 6 -0.01 -1.28 4.58
N SER A 7 0.08 -1.76 3.36
CA SER A 7 -0.87 -2.73 2.83
C SER A 7 -0.98 -3.96 3.74
N ALA A 8 -2.07 -4.02 4.50
CA ALA A 8 -2.28 -5.10 5.46
C ALA A 8 -2.47 -6.44 4.76
N LYS A 9 -3.19 -6.43 3.65
CA LYS A 9 -3.49 -7.66 2.92
C LYS A 9 -2.48 -7.91 1.80
N PHE A 10 -1.43 -7.12 1.75
CA PHE A 10 -0.40 -7.30 0.75
C PHE A 10 0.98 -7.16 1.36
N LYS A 11 1.61 -8.29 1.63
CA LYS A 11 2.93 -8.33 2.24
C LYS A 11 3.76 -9.42 1.59
N GLY A 12 5.05 -9.19 1.51
CA GLY A 12 5.93 -10.15 0.91
C GLY A 12 6.61 -9.59 -0.30
N TYR A 13 6.21 -10.06 -1.46
CA TYR A 13 6.79 -9.57 -2.69
C TYR A 13 5.91 -8.53 -3.35
N CYS A 14 6.39 -7.31 -3.36
CA CYS A 14 5.69 -6.23 -4.04
C CYS A 14 6.29 -6.08 -5.43
N VAL A 15 5.87 -6.93 -6.34
CA VAL A 15 6.38 -6.93 -7.70
C VAL A 15 6.08 -5.61 -8.38
N SER A 16 4.81 -5.23 -8.40
CA SER A 16 4.40 -3.99 -8.99
C SER A 16 3.51 -3.21 -8.06
N SER A 17 3.54 -1.91 -8.18
CA SER A 17 2.73 -1.07 -7.35
C SER A 17 1.27 -1.12 -7.80
N THR A 18 1.06 -1.29 -9.10
CA THR A 18 -0.29 -1.34 -9.64
C THR A 18 -1.05 -2.56 -9.08
N ASN A 19 -0.32 -3.64 -8.82
CA ASN A 19 -0.90 -4.85 -8.25
C ASN A 19 -1.30 -4.58 -6.80
N CYS A 20 -0.45 -3.84 -6.11
CA CYS A 20 -0.70 -3.48 -4.72
C CYS A 20 -1.92 -2.56 -4.62
N LYS A 21 -2.05 -1.67 -5.61
CA LYS A 21 -3.17 -0.73 -5.66
C LYS A 21 -4.50 -1.47 -5.68
N ASN A 22 -4.53 -2.59 -6.40
CA ASN A 22 -5.74 -3.42 -6.49
C ASN A 22 -6.19 -3.85 -5.10
N VAL A 23 -5.22 -4.29 -4.30
CA VAL A 23 -5.51 -4.73 -2.95
C VAL A 23 -5.90 -3.54 -2.07
N CYS A 24 -5.11 -2.49 -2.15
CA CYS A 24 -5.34 -1.28 -1.36
C CYS A 24 -6.70 -0.65 -1.66
N ARG A 25 -7.06 -0.58 -2.92
CA ARG A 25 -8.33 0.03 -3.31
C ARG A 25 -9.51 -0.86 -2.93
N THR A 26 -9.23 -2.13 -2.70
CA THR A 26 -10.26 -3.05 -2.23
C THR A 26 -10.47 -2.83 -0.73
N GLU A 27 -9.39 -2.53 -0.02
CA GLU A 27 -9.46 -2.26 1.40
C GLU A 27 -10.07 -0.89 1.67
N GLY A 28 -9.70 0.09 0.86
CA GLY A 28 -10.26 1.41 1.00
C GLY A 28 -9.23 2.51 0.89
N PHE A 29 -8.16 2.27 0.15
CA PHE A 29 -7.13 3.27 -0.05
C PHE A 29 -7.10 3.71 -1.52
N PRO A 30 -7.41 4.99 -1.79
CA PRO A 30 -7.44 5.54 -3.16
C PRO A 30 -6.09 5.46 -3.86
N THR A 31 -5.09 5.99 -3.20
CA THR A 31 -3.77 6.08 -3.75
C THR A 31 -2.88 4.98 -3.17
N GLY A 32 -2.07 4.37 -4.03
CA GLY A 32 -1.18 3.32 -3.59
C GLY A 32 0.19 3.46 -4.21
N SER A 33 1.23 3.08 -3.47
CA SER A 33 2.59 3.17 -3.96
C SER A 33 3.48 2.14 -3.27
N CYS A 34 4.35 1.52 -4.05
CA CYS A 34 5.27 0.51 -3.51
C CYS A 34 6.53 1.22 -3.02
N ASP A 35 7.15 0.68 -1.99
CA ASP A 35 8.34 1.31 -1.42
C ASP A 35 9.56 0.41 -1.56
N PHE A 36 10.66 0.81 -0.97
CA PHE A 36 11.89 0.06 -1.04
C PHE A 36 11.98 -0.91 0.14
N HIS A 37 12.62 -2.05 -0.09
CA HIS A 37 12.71 -3.06 0.94
C HIS A 37 13.78 -2.73 1.98
N ILE A 38 13.34 -2.48 3.19
CA ILE A 38 14.25 -2.22 4.29
C ILE A 38 14.58 -3.56 4.93
N THR A 39 13.59 -4.15 5.57
CA THR A 39 13.69 -5.48 6.10
C THR A 39 13.01 -6.42 5.11
N SER A 40 11.84 -6.00 4.69
CA SER A 40 11.07 -6.68 3.68
C SER A 40 10.59 -5.64 2.68
N ARG A 41 10.05 -6.08 1.55
CA ARG A 41 9.56 -5.13 0.57
C ARG A 41 8.20 -4.61 1.03
N LYS A 42 8.07 -3.32 1.12
CA LYS A 42 6.86 -2.72 1.66
C LYS A 42 6.05 -2.02 0.59
N CYS A 43 4.78 -1.85 0.88
CA CYS A 43 3.88 -1.10 0.03
C CYS A 43 3.09 -0.16 0.92
N TYR A 44 3.04 1.10 0.55
CA TYR A 44 2.36 2.08 1.34
C TYR A 44 1.29 2.79 0.54
N CYS A 45 0.07 2.58 0.93
CA CYS A 45 -1.05 3.22 0.30
C CYS A 45 -1.58 4.31 1.21
N TYR A 46 -2.37 5.22 0.68
CA TYR A 46 -2.84 6.35 1.46
C TYR A 46 -4.31 6.26 1.78
N LYS A 47 -4.63 6.62 3.01
CA LYS A 47 -5.99 6.56 3.50
C LYS A 47 -6.47 7.95 3.94
N PRO A 48 -7.64 8.38 3.47
CA PRO A 48 -8.23 9.64 3.91
C PRO A 48 -8.77 9.54 5.33
N CYS A 49 -8.19 10.31 6.23
CA CYS A 49 -8.58 10.31 7.63
C CYS A 49 -9.29 11.61 7.99
N PRO A 50 -10.12 11.61 9.03
CA PRO A 50 -10.78 12.82 9.51
C PRO A 50 -9.78 13.83 10.07
N ARG A 1 -5.74 14.77 6.87
CA ARG A 1 -6.30 14.61 5.51
C ARG A 1 -5.89 13.27 4.91
N MET A 2 -4.64 12.89 5.10
CA MET A 2 -4.16 11.62 4.61
C MET A 2 -3.70 10.73 5.74
N CYS A 3 -4.07 9.48 5.69
CA CYS A 3 -3.64 8.54 6.69
C CYS A 3 -2.69 7.53 6.06
N LYS A 4 -1.59 7.27 6.73
CA LYS A 4 -0.58 6.37 6.22
C LYS A 4 -0.70 5.01 6.86
N THR A 5 -0.95 4.00 6.06
CA THR A 5 -1.07 2.67 6.56
C THR A 5 -0.31 1.69 5.67
N PRO A 6 0.71 1.02 6.22
CA PRO A 6 1.49 0.02 5.49
C PRO A 6 0.64 -1.18 5.11
N SER A 7 0.77 -1.63 3.89
CA SER A 7 0.02 -2.75 3.41
C SER A 7 0.59 -4.06 3.95
N ALA A 8 -0.03 -4.59 4.99
CA ALA A 8 0.39 -5.85 5.58
C ALA A 8 -0.37 -6.99 4.95
N LYS A 9 -1.36 -6.63 4.15
CA LYS A 9 -2.19 -7.61 3.46
C LYS A 9 -1.63 -7.88 2.07
N PHE A 10 -0.47 -7.30 1.82
CA PHE A 10 0.22 -7.46 0.56
C PHE A 10 1.57 -8.10 0.82
N LYS A 11 1.69 -9.36 0.45
CA LYS A 11 2.91 -10.12 0.71
C LYS A 11 3.39 -10.82 -0.55
N GLY A 12 4.68 -10.82 -0.77
CA GLY A 12 5.23 -11.45 -1.93
C GLY A 12 6.11 -10.51 -2.70
N TYR A 13 6.22 -10.72 -4.00
CA TYR A 13 7.03 -9.87 -4.84
C TYR A 13 6.21 -8.69 -5.35
N CYS A 14 6.70 -7.49 -5.10
CA CYS A 14 6.03 -6.29 -5.54
C CYS A 14 6.41 -6.01 -6.99
N VAL A 15 5.77 -6.74 -7.90
CA VAL A 15 6.04 -6.62 -9.32
C VAL A 15 5.49 -5.33 -9.89
N SER A 16 4.41 -4.84 -9.31
CA SER A 16 3.80 -3.62 -9.75
C SER A 16 3.15 -2.91 -8.60
N SER A 17 3.00 -1.61 -8.73
CA SER A 17 2.34 -0.85 -7.71
C SER A 17 0.84 -1.04 -7.83
N THR A 18 0.40 -1.36 -9.03
CA THR A 18 -1.00 -1.58 -9.31
C THR A 18 -1.53 -2.76 -8.49
N ASN A 19 -0.75 -3.83 -8.42
CA ASN A 19 -1.13 -5.02 -7.65
C ASN A 19 -1.41 -4.65 -6.19
N CYS A 20 -0.55 -3.80 -5.62
CA CYS A 20 -0.74 -3.34 -4.25
C CYS A 20 -2.02 -2.51 -4.16
N LYS A 21 -2.28 -1.71 -5.20
CA LYS A 21 -3.48 -0.89 -5.26
C LYS A 21 -4.74 -1.75 -5.29
N ASN A 22 -4.63 -2.95 -5.88
CA ASN A 22 -5.77 -3.89 -5.93
C ASN A 22 -6.21 -4.24 -4.53
N VAL A 23 -5.26 -4.32 -3.63
CA VAL A 23 -5.54 -4.61 -2.24
C VAL A 23 -6.04 -3.34 -1.54
N CYS A 24 -5.23 -2.31 -1.57
CA CYS A 24 -5.49 -1.06 -0.88
C CYS A 24 -6.79 -0.36 -1.34
N ARG A 25 -6.92 -0.12 -2.64
CA ARG A 25 -8.08 0.63 -3.16
C ARG A 25 -9.40 -0.03 -2.82
N THR A 26 -9.42 -1.34 -2.88
CA THR A 26 -10.64 -2.09 -2.63
C THR A 26 -11.14 -1.91 -1.19
N GLU A 27 -10.23 -1.70 -0.24
CA GLU A 27 -10.63 -1.53 1.15
C GLU A 27 -10.68 -0.05 1.56
N GLY A 28 -10.58 0.85 0.59
CA GLY A 28 -10.75 2.27 0.87
C GLY A 28 -9.47 3.08 0.83
N PHE A 29 -8.40 2.52 0.30
CA PHE A 29 -7.14 3.25 0.19
C PHE A 29 -6.86 3.63 -1.28
N PRO A 30 -7.22 4.85 -1.69
CA PRO A 30 -7.09 5.31 -3.09
C PRO A 30 -5.65 5.36 -3.57
N THR A 31 -4.79 5.87 -2.73
CA THR A 31 -3.42 6.08 -3.09
C THR A 31 -2.54 4.97 -2.53
N GLY A 32 -1.88 4.24 -3.43
CA GLY A 32 -1.00 3.17 -3.03
C GLY A 32 0.35 3.28 -3.71
N SER A 33 1.40 3.06 -2.94
CA SER A 33 2.76 3.14 -3.47
C SER A 33 3.63 2.06 -2.85
N CYS A 34 4.37 1.36 -3.68
CA CYS A 34 5.22 0.28 -3.21
C CYS A 34 6.44 0.85 -2.47
N ASP A 35 6.91 0.12 -1.46
CA ASP A 35 8.04 0.56 -0.65
C ASP A 35 9.26 -0.32 -0.92
N PHE A 36 10.42 0.21 -0.63
CA PHE A 36 11.66 -0.50 -0.82
C PHE A 36 12.04 -1.21 0.48
N HIS A 37 12.67 -2.38 0.36
CA HIS A 37 13.05 -3.14 1.54
C HIS A 37 14.10 -2.41 2.39
N ILE A 38 13.69 -1.93 3.53
CA ILE A 38 14.61 -1.32 4.48
C ILE A 38 14.96 -2.37 5.51
N THR A 39 14.00 -3.20 5.78
CA THR A 39 14.14 -4.34 6.66
C THR A 39 13.39 -5.50 6.03
N SER A 40 12.26 -5.18 5.42
CA SER A 40 11.44 -6.12 4.71
C SER A 40 10.69 -5.41 3.60
N ARG A 41 10.26 -6.16 2.60
CA ARG A 41 9.51 -5.59 1.49
C ARG A 41 8.12 -5.19 1.94
N LYS A 42 7.73 -3.95 1.67
CA LYS A 42 6.43 -3.44 2.09
C LYS A 42 5.81 -2.57 1.01
N CYS A 43 4.64 -2.05 1.31
CA CYS A 43 3.94 -1.15 0.43
C CYS A 43 3.19 -0.13 1.29
N TYR A 44 3.14 1.12 0.88
CA TYR A 44 2.48 2.16 1.65
C TYR A 44 1.26 2.69 0.92
N CYS A 45 0.12 2.60 1.57
CA CYS A 45 -1.10 3.11 1.02
C CYS A 45 -1.69 4.18 1.93
N TYR A 46 -2.43 5.10 1.35
CA TYR A 46 -2.98 6.21 2.10
C TYR A 46 -4.50 6.21 2.06
N LYS A 47 -5.08 6.54 3.19
CA LYS A 47 -6.53 6.57 3.35
C LYS A 47 -7.01 8.02 3.51
N PRO A 48 -8.16 8.37 2.88
CA PRO A 48 -8.74 9.71 2.99
C PRO A 48 -9.33 9.95 4.38
N CYS A 49 -8.76 10.90 5.09
CA CYS A 49 -9.21 11.22 6.44
C CYS A 49 -9.43 12.73 6.57
N PRO A 50 -10.18 13.18 7.58
CA PRO A 50 -10.40 14.60 7.81
C PRO A 50 -9.14 15.27 8.39
N ARG A 1 -4.78 15.89 6.07
CA ARG A 1 -3.83 14.93 6.66
C ARG A 1 -3.73 13.70 5.80
N MET A 2 -2.52 13.32 5.49
CA MET A 2 -2.28 12.13 4.71
C MET A 2 -1.91 10.99 5.63
N CYS A 3 -2.62 9.89 5.52
CA CYS A 3 -2.36 8.74 6.35
C CYS A 3 -1.82 7.59 5.52
N LYS A 4 -0.64 7.10 5.89
CA LYS A 4 -0.02 6.00 5.18
C LYS A 4 -0.25 4.70 5.93
N THR A 5 -0.73 3.70 5.24
CA THR A 5 -0.99 2.43 5.86
C THR A 5 -0.51 1.28 4.99
N PRO A 6 0.38 0.43 5.53
CA PRO A 6 0.86 -0.76 4.81
C PRO A 6 -0.26 -1.77 4.64
N SER A 7 -0.36 -2.34 3.46
CA SER A 7 -1.39 -3.31 3.15
C SER A 7 -1.30 -4.52 4.10
N ALA A 8 -2.42 -4.91 4.67
CA ALA A 8 -2.44 -6.04 5.57
C ALA A 8 -2.62 -7.34 4.80
N LYS A 9 -3.52 -7.32 3.84
CA LYS A 9 -3.80 -8.49 3.00
C LYS A 9 -2.76 -8.66 1.89
N PHE A 10 -1.68 -7.87 1.94
CA PHE A 10 -0.64 -7.97 0.94
C PHE A 10 0.74 -7.97 1.59
N LYS A 11 1.34 -9.14 1.66
CA LYS A 11 2.65 -9.29 2.23
C LYS A 11 3.53 -10.09 1.27
N GLY A 12 4.71 -9.58 1.00
CA GLY A 12 5.60 -10.25 0.09
C GLY A 12 6.51 -9.27 -0.60
N TYR A 13 6.49 -9.29 -1.93
CA TYR A 13 7.33 -8.41 -2.72
C TYR A 13 6.50 -7.40 -3.50
N CYS A 14 6.76 -6.12 -3.29
CA CYS A 14 6.08 -5.07 -4.03
C CYS A 14 6.75 -4.91 -5.39
N VAL A 15 6.43 -5.81 -6.30
CA VAL A 15 7.02 -5.82 -7.62
C VAL A 15 6.40 -4.76 -8.50
N SER A 16 5.08 -4.64 -8.44
CA SER A 16 4.38 -3.67 -9.24
C SER A 16 3.54 -2.76 -8.39
N SER A 17 3.65 -1.47 -8.64
CA SER A 17 2.93 -0.49 -7.91
C SER A 17 1.45 -0.52 -8.27
N THR A 18 1.16 -0.90 -9.51
CA THR A 18 -0.20 -1.00 -9.96
C THR A 18 -0.95 -2.07 -9.15
N ASN A 19 -0.35 -3.25 -9.02
CA ASN A 19 -0.94 -4.33 -8.24
C ASN A 19 -1.10 -3.92 -6.78
N CYS A 20 -0.13 -3.16 -6.29
CA CYS A 20 -0.17 -2.61 -4.93
C CYS A 20 -1.46 -1.82 -4.71
N LYS A 21 -1.76 -0.91 -5.63
CA LYS A 21 -2.97 -0.09 -5.55
C LYS A 21 -4.23 -0.96 -5.65
N ASN A 22 -4.16 -1.98 -6.48
CA ASN A 22 -5.29 -2.89 -6.70
C ASN A 22 -5.66 -3.64 -5.43
N VAL A 23 -4.67 -4.27 -4.80
CA VAL A 23 -4.91 -5.03 -3.58
C VAL A 23 -5.39 -4.11 -2.47
N CYS A 24 -4.90 -2.88 -2.47
CA CYS A 24 -5.32 -1.90 -1.49
C CYS A 24 -6.78 -1.53 -1.65
N ARG A 25 -7.26 -1.50 -2.89
CA ARG A 25 -8.66 -1.21 -3.13
C ARG A 25 -9.54 -2.34 -2.62
N THR A 26 -8.92 -3.51 -2.48
CA THR A 26 -9.58 -4.66 -1.92
C THR A 26 -9.51 -4.60 -0.39
N GLU A 27 -8.49 -3.91 0.11
CA GLU A 27 -8.27 -3.76 1.53
C GLU A 27 -9.13 -2.61 2.08
N GLY A 28 -9.17 -1.51 1.35
CA GLY A 28 -9.94 -0.36 1.77
C GLY A 28 -9.21 0.95 1.53
N PHE A 29 -8.27 0.95 0.59
CA PHE A 29 -7.49 2.14 0.27
C PHE A 29 -7.50 2.40 -1.23
N PRO A 30 -8.01 3.56 -1.65
CA PRO A 30 -8.10 3.94 -3.07
C PRO A 30 -6.73 4.16 -3.71
N THR A 31 -5.92 4.97 -3.06
CA THR A 31 -4.64 5.34 -3.59
C THR A 31 -3.53 4.54 -2.92
N GLY A 32 -2.75 3.82 -3.71
CA GLY A 32 -1.68 3.02 -3.20
C GLY A 32 -0.34 3.43 -3.77
N SER A 33 0.73 3.07 -3.10
CA SER A 33 2.06 3.41 -3.56
C SER A 33 3.09 2.43 -3.01
N CYS A 34 4.13 2.20 -3.77
CA CYS A 34 5.20 1.34 -3.33
C CYS A 34 6.21 2.17 -2.55
N ASP A 35 6.63 1.70 -1.40
CA ASP A 35 7.53 2.45 -0.55
C ASP A 35 8.87 1.72 -0.41
N PHE A 36 9.66 2.12 0.56
CA PHE A 36 10.98 1.56 0.76
C PHE A 36 10.89 0.32 1.65
N HIS A 37 11.82 -0.60 1.44
CA HIS A 37 11.81 -1.89 2.14
C HIS A 37 12.52 -1.83 3.48
N ILE A 38 11.85 -2.33 4.51
CA ILE A 38 12.47 -2.47 5.82
C ILE A 38 12.96 -3.91 5.92
N THR A 39 12.03 -4.84 5.90
CA THR A 39 12.35 -6.25 5.84
C THR A 39 12.25 -6.71 4.39
N SER A 40 11.19 -6.24 3.73
CA SER A 40 10.96 -6.49 2.32
C SER A 40 10.19 -5.31 1.76
N ARG A 41 10.16 -5.18 0.43
CA ARG A 41 9.44 -4.09 -0.20
C ARG A 41 7.96 -4.36 -0.16
N LYS A 42 7.21 -3.53 0.55
CA LYS A 42 5.78 -3.75 0.69
C LYS A 42 4.97 -2.64 0.02
N CYS A 43 3.67 -2.77 0.10
CA CYS A 43 2.74 -1.81 -0.47
C CYS A 43 2.21 -0.91 0.66
N TYR A 44 2.35 0.39 0.47
CA TYR A 44 1.92 1.37 1.47
C TYR A 44 0.96 2.35 0.83
N CYS A 45 -0.28 2.28 1.21
CA CYS A 45 -1.28 3.09 0.58
C CYS A 45 -1.69 4.26 1.45
N TYR A 46 -2.42 5.20 0.86
CA TYR A 46 -2.80 6.41 1.56
C TYR A 46 -4.29 6.44 1.84
N LYS A 47 -4.63 7.14 2.89
CA LYS A 47 -5.99 7.34 3.30
C LYS A 47 -6.21 8.81 3.64
N PRO A 48 -7.23 9.44 3.05
CA PRO A 48 -7.52 10.85 3.30
C PRO A 48 -8.06 11.08 4.71
N CYS A 49 -7.31 11.82 5.50
CA CYS A 49 -7.70 12.12 6.86
C CYS A 49 -7.81 13.64 7.04
N PRO A 50 -8.68 14.11 7.93
CA PRO A 50 -8.85 15.54 8.19
C PRO A 50 -7.60 16.17 8.81
N ARG A 1 -6.31 15.92 5.90
CA ARG A 1 -5.27 15.07 6.51
C ARG A 1 -5.11 13.79 5.71
N MET A 2 -3.91 13.26 5.67
CA MET A 2 -3.66 12.03 4.96
C MET A 2 -3.10 11.00 5.92
N CYS A 3 -3.64 9.81 5.88
CA CYS A 3 -3.17 8.73 6.73
C CYS A 3 -2.51 7.67 5.87
N LYS A 4 -1.30 7.29 6.24
CA LYS A 4 -0.56 6.31 5.48
C LYS A 4 -0.66 4.96 6.16
N THR A 5 -1.00 3.95 5.39
CA THR A 5 -1.17 2.62 5.93
C THR A 5 -0.37 1.59 5.14
N PRO A 6 0.30 0.65 5.81
CA PRO A 6 0.98 -0.45 5.14
C PRO A 6 -0.04 -1.46 4.63
N SER A 7 0.14 -1.91 3.40
CA SER A 7 -0.77 -2.88 2.80
C SER A 7 -0.91 -4.13 3.68
N ALA A 8 -2.13 -4.60 3.84
CA ALA A 8 -2.39 -5.74 4.71
C ALA A 8 -2.62 -7.01 3.90
N LYS A 9 -3.34 -6.90 2.81
CA LYS A 9 -3.63 -8.06 1.97
C LYS A 9 -2.56 -8.25 0.91
N PHE A 10 -1.66 -7.30 0.81
CA PHE A 10 -0.55 -7.38 -0.14
C PHE A 10 0.74 -7.65 0.62
N LYS A 11 1.18 -8.90 0.59
CA LYS A 11 2.36 -9.31 1.33
C LYS A 11 3.34 -10.05 0.43
N GLY A 12 4.50 -10.37 0.96
CA GLY A 12 5.49 -11.09 0.20
C GLY A 12 6.39 -10.17 -0.57
N TYR A 13 6.19 -10.10 -1.86
CA TYR A 13 7.02 -9.28 -2.72
C TYR A 13 6.21 -8.14 -3.30
N CYS A 14 6.68 -6.91 -3.11
CA CYS A 14 6.03 -5.76 -3.71
C CYS A 14 6.46 -5.67 -5.17
N VAL A 15 5.82 -6.48 -6.01
CA VAL A 15 6.13 -6.54 -7.42
C VAL A 15 5.78 -5.24 -8.14
N SER A 16 4.61 -4.70 -7.83
CA SER A 16 4.19 -3.47 -8.46
C SER A 16 3.31 -2.68 -7.52
N SER A 17 3.36 -1.37 -7.62
CA SER A 17 2.51 -0.57 -6.82
C SER A 17 1.10 -0.57 -7.39
N THR A 18 1.01 -0.87 -8.69
CA THR A 18 -0.27 -0.95 -9.37
C THR A 18 -1.13 -2.05 -8.74
N ASN A 19 -0.56 -3.24 -8.62
CA ASN A 19 -1.26 -4.35 -8.00
C ASN A 19 -1.57 -4.03 -6.55
N CYS A 20 -0.63 -3.35 -5.89
CA CYS A 20 -0.81 -2.92 -4.50
C CYS A 20 -2.07 -2.07 -4.38
N LYS A 21 -2.27 -1.16 -5.33
CA LYS A 21 -3.45 -0.32 -5.35
C LYS A 21 -4.71 -1.16 -5.40
N ASN A 22 -4.71 -2.12 -6.32
CA ASN A 22 -5.85 -3.03 -6.50
C ASN A 22 -6.17 -3.75 -5.18
N VAL A 23 -5.12 -4.14 -4.48
CA VAL A 23 -5.27 -4.80 -3.19
C VAL A 23 -5.82 -3.83 -2.14
N CYS A 24 -5.18 -2.68 -2.03
CA CYS A 24 -5.60 -1.68 -1.07
C CYS A 24 -6.99 -1.15 -1.34
N ARG A 25 -7.40 -1.13 -2.60
CA ARG A 25 -8.75 -0.71 -2.95
C ARG A 25 -9.76 -1.72 -2.42
N THR A 26 -9.27 -2.92 -2.15
CA THR A 26 -10.08 -3.97 -1.57
C THR A 26 -10.10 -3.79 -0.03
N GLU A 27 -9.03 -3.20 0.50
CA GLU A 27 -8.92 -2.92 1.93
C GLU A 27 -9.69 -1.63 2.27
N GLY A 28 -9.75 -0.73 1.30
CA GLY A 28 -10.46 0.52 1.50
C GLY A 28 -9.59 1.74 1.31
N PHE A 29 -8.52 1.59 0.53
CA PHE A 29 -7.60 2.70 0.28
C PHE A 29 -7.40 2.90 -1.23
N PRO A 30 -7.62 4.13 -1.71
CA PRO A 30 -7.54 4.47 -3.15
C PRO A 30 -6.15 4.31 -3.78
N THR A 31 -5.15 4.90 -3.15
CA THR A 31 -3.82 4.93 -3.73
C THR A 31 -2.79 4.22 -2.86
N GLY A 32 -1.82 3.56 -3.52
CA GLY A 32 -0.76 2.86 -2.82
C GLY A 32 0.54 2.88 -3.60
N SER A 33 1.63 3.19 -2.92
CA SER A 33 2.94 3.27 -3.57
C SER A 33 3.93 2.31 -2.90
N CYS A 34 4.81 1.73 -3.68
CA CYS A 34 5.78 0.79 -3.17
C CYS A 34 6.95 1.55 -2.51
N ASP A 35 7.55 0.95 -1.48
CA ASP A 35 8.65 1.61 -0.77
C ASP A 35 9.98 0.92 -1.02
N PHE A 36 10.99 1.28 -0.24
CA PHE A 36 12.30 0.70 -0.36
C PHE A 36 12.42 -0.51 0.56
N HIS A 37 13.05 -1.57 0.07
CA HIS A 37 13.18 -2.79 0.84
C HIS A 37 14.15 -2.63 2.02
N ILE A 38 13.60 -2.60 3.21
CA ILE A 38 14.41 -2.57 4.41
C ILE A 38 14.73 -4.01 4.78
N THR A 39 13.77 -4.66 5.38
CA THR A 39 13.86 -6.07 5.63
C THR A 39 13.25 -6.79 4.43
N SER A 40 12.14 -6.24 3.97
CA SER A 40 11.45 -6.70 2.79
C SER A 40 10.87 -5.48 2.08
N ARG A 41 10.41 -5.64 0.85
CA ARG A 41 9.82 -4.54 0.11
C ARG A 41 8.35 -4.45 0.48
N LYS A 42 7.90 -3.25 0.80
CA LYS A 42 6.55 -3.05 1.25
C LYS A 42 5.82 -2.03 0.39
N CYS A 43 4.58 -1.76 0.73
CA CYS A 43 3.80 -0.80 0.01
C CYS A 43 2.97 0.02 0.99
N TYR A 44 2.88 1.31 0.74
CA TYR A 44 2.12 2.20 1.60
C TYR A 44 0.96 2.81 0.87
N CYS A 45 -0.19 2.68 1.45
CA CYS A 45 -1.40 3.18 0.88
C CYS A 45 -1.87 4.42 1.60
N TYR A 46 -2.58 5.28 0.89
CA TYR A 46 -3.01 6.56 1.42
C TYR A 46 -4.50 6.59 1.68
N LYS A 47 -4.87 7.07 2.85
CA LYS A 47 -6.25 7.21 3.23
C LYS A 47 -6.57 8.69 3.47
N PRO A 48 -7.60 9.21 2.79
CA PRO A 48 -8.05 10.59 3.01
C PRO A 48 -8.74 10.72 4.36
N CYS A 49 -8.16 11.50 5.25
CA CYS A 49 -8.69 11.66 6.59
C CYS A 49 -9.07 13.11 6.86
N PRO A 50 -10.10 13.35 7.69
CA PRO A 50 -10.50 14.71 8.07
C PRO A 50 -9.43 15.39 8.90
N ARG A 1 -6.93 15.92 4.46
CA ARG A 1 -5.82 15.20 5.10
C ARG A 1 -5.94 13.71 4.82
N MET A 2 -4.83 13.01 4.84
CA MET A 2 -4.84 11.58 4.62
C MET A 2 -3.90 10.89 5.58
N CYS A 3 -4.17 9.66 5.86
CA CYS A 3 -3.36 8.87 6.76
C CYS A 3 -2.66 7.77 6.00
N LYS A 4 -1.46 7.42 6.42
CA LYS A 4 -0.69 6.39 5.74
C LYS A 4 -0.80 5.08 6.48
N THR A 5 -1.18 4.05 5.76
CA THR A 5 -1.32 2.75 6.33
C THR A 5 -0.77 1.70 5.35
N PRO A 6 0.15 0.84 5.82
CA PRO A 6 0.73 -0.21 5.00
C PRO A 6 -0.32 -1.24 4.58
N SER A 7 -0.15 -1.80 3.41
CA SER A 7 -1.06 -2.80 2.90
C SER A 7 -1.07 -4.01 3.83
N ALA A 8 -2.25 -4.48 4.21
CA ALA A 8 -2.36 -5.59 5.11
C ALA A 8 -2.45 -6.89 4.36
N LYS A 9 -3.23 -6.90 3.30
CA LYS A 9 -3.43 -8.09 2.50
C LYS A 9 -2.42 -8.15 1.35
N PHE A 10 -1.40 -7.31 1.43
CA PHE A 10 -0.34 -7.29 0.44
C PHE A 10 0.99 -6.99 1.12
N LYS A 11 1.77 -8.04 1.36
CA LYS A 11 3.08 -7.91 2.02
C LYS A 11 3.99 -9.03 1.55
N GLY A 12 5.07 -8.67 0.90
CA GLY A 12 6.00 -9.66 0.41
C GLY A 12 6.56 -9.30 -0.93
N TYR A 13 5.96 -9.83 -1.97
CA TYR A 13 6.41 -9.53 -3.32
C TYR A 13 5.72 -8.29 -3.85
N CYS A 14 6.47 -7.23 -4.00
CA CYS A 14 5.94 -5.98 -4.48
C CYS A 14 6.62 -5.58 -5.78
N VAL A 15 6.18 -6.17 -6.87
CA VAL A 15 6.74 -5.87 -8.19
C VAL A 15 6.35 -4.45 -8.62
N SER A 16 5.13 -4.06 -8.30
CA SER A 16 4.66 -2.75 -8.65
C SER A 16 3.68 -2.23 -7.62
N SER A 17 3.54 -0.93 -7.56
CA SER A 17 2.60 -0.33 -6.68
C SER A 17 1.21 -0.47 -7.26
N THR A 18 1.16 -0.62 -8.58
CA THR A 18 -0.07 -0.78 -9.31
C THR A 18 -0.85 -2.00 -8.79
N ASN A 19 -0.15 -3.12 -8.66
CA ASN A 19 -0.75 -4.34 -8.15
C ASN A 19 -1.22 -4.12 -6.70
N CYS A 20 -0.40 -3.40 -5.95
CA CYS A 20 -0.71 -3.06 -4.57
C CYS A 20 -2.02 -2.29 -4.47
N LYS A 21 -2.21 -1.34 -5.39
CA LYS A 21 -3.42 -0.52 -5.40
C LYS A 21 -4.68 -1.36 -5.46
N ASN A 22 -4.63 -2.44 -6.25
CA ASN A 22 -5.76 -3.36 -6.37
C ASN A 22 -6.19 -3.85 -4.99
N VAL A 23 -5.22 -4.36 -4.24
CA VAL A 23 -5.48 -4.89 -2.91
C VAL A 23 -5.90 -3.76 -1.95
N CYS A 24 -5.15 -2.66 -2.00
CA CYS A 24 -5.42 -1.52 -1.14
C CYS A 24 -6.84 -0.96 -1.35
N ARG A 25 -7.29 -0.89 -2.60
CA ARG A 25 -8.63 -0.41 -2.89
C ARG A 25 -9.67 -1.32 -2.26
N THR A 26 -9.39 -2.62 -2.28
CA THR A 26 -10.27 -3.61 -1.68
C THR A 26 -10.37 -3.39 -0.16
N GLU A 27 -9.24 -3.01 0.44
CA GLU A 27 -9.21 -2.72 1.87
C GLU A 27 -9.83 -1.36 2.18
N GLY A 28 -9.55 -0.37 1.34
CA GLY A 28 -10.11 0.94 1.53
C GLY A 28 -9.07 2.05 1.41
N PHE A 29 -8.12 1.88 0.52
CA PHE A 29 -7.07 2.87 0.30
C PHE A 29 -6.90 3.14 -1.20
N PRO A 30 -7.24 4.37 -1.64
CA PRO A 30 -7.17 4.75 -3.07
C PRO A 30 -5.74 4.74 -3.64
N THR A 31 -4.86 5.49 -3.02
CA THR A 31 -3.50 5.65 -3.51
C THR A 31 -2.53 4.77 -2.74
N GLY A 32 -1.65 4.08 -3.47
CA GLY A 32 -0.67 3.21 -2.84
C GLY A 32 0.72 3.40 -3.43
N SER A 33 1.72 3.30 -2.58
CA SER A 33 3.11 3.46 -3.01
C SER A 33 3.99 2.37 -2.40
N CYS A 34 4.84 1.79 -3.21
CA CYS A 34 5.73 0.70 -2.76
C CYS A 34 7.09 1.28 -2.38
N ASP A 35 7.68 0.76 -1.29
CA ASP A 35 8.97 1.27 -0.83
C ASP A 35 10.12 0.36 -1.22
N PHE A 36 11.30 0.67 -0.71
CA PHE A 36 12.49 -0.10 -1.00
C PHE A 36 12.66 -1.20 0.04
N HIS A 37 12.98 -2.39 -0.42
CA HIS A 37 13.12 -3.54 0.45
C HIS A 37 14.24 -3.37 1.48
N ILE A 38 13.87 -3.44 2.74
CA ILE A 38 14.85 -3.41 3.82
C ILE A 38 15.21 -4.86 4.14
N THR A 39 14.27 -5.54 4.76
CA THR A 39 14.39 -6.97 4.99
C THR A 39 13.38 -7.64 4.07
N SER A 40 12.39 -6.86 3.71
CA SER A 40 11.32 -7.24 2.82
C SER A 40 10.80 -5.99 2.12
N ARG A 41 9.97 -6.16 1.11
CA ARG A 41 9.43 -5.02 0.40
C ARG A 41 7.97 -4.83 0.80
N LYS A 42 7.59 -3.59 1.05
CA LYS A 42 6.25 -3.30 1.53
C LYS A 42 5.58 -2.23 0.71
N CYS A 43 4.31 -2.01 0.98
CA CYS A 43 3.55 -1.01 0.27
C CYS A 43 2.77 -0.17 1.27
N TYR A 44 2.77 1.12 1.06
CA TYR A 44 2.08 2.05 1.93
C TYR A 44 1.01 2.78 1.16
N CYS A 45 -0.21 2.63 1.59
CA CYS A 45 -1.33 3.25 0.94
C CYS A 45 -1.91 4.35 1.82
N TYR A 46 -2.57 5.31 1.21
CA TYR A 46 -3.12 6.44 1.93
C TYR A 46 -4.63 6.40 2.00
N LYS A 47 -5.16 6.67 3.16
CA LYS A 47 -6.59 6.71 3.39
C LYS A 47 -7.02 8.13 3.66
N PRO A 48 -8.11 8.62 3.03
CA PRO A 48 -8.62 9.95 3.29
C PRO A 48 -9.03 10.10 4.75
N CYS A 49 -8.63 11.20 5.37
CA CYS A 49 -8.93 11.44 6.76
C CYS A 49 -9.44 12.86 6.97
N PRO A 50 -10.73 13.03 7.28
CA PRO A 50 -11.32 14.32 7.58
C PRO A 50 -11.11 14.70 9.04
N ARG A 1 -8.07 14.84 5.90
CA ARG A 1 -6.64 14.52 5.85
C ARG A 1 -6.44 13.16 5.20
N MET A 2 -5.22 12.86 4.82
CA MET A 2 -4.89 11.59 4.23
C MET A 2 -3.67 11.01 4.95
N CYS A 3 -3.73 9.74 5.27
CA CYS A 3 -2.64 9.09 5.98
C CYS A 3 -1.96 8.07 5.10
N LYS A 4 -0.65 7.95 5.27
CA LYS A 4 0.13 7.00 4.51
C LYS A 4 0.39 5.78 5.38
N THR A 5 -0.06 4.64 4.93
CA THR A 5 0.10 3.43 5.68
C THR A 5 0.55 2.28 4.79
N PRO A 6 1.59 1.53 5.20
CA PRO A 6 2.05 0.36 4.46
C PRO A 6 0.93 -0.66 4.29
N SER A 7 0.85 -1.24 3.10
CA SER A 7 -0.18 -2.21 2.77
C SER A 7 -0.17 -3.37 3.78
N ALA A 8 -1.25 -3.47 4.55
CA ALA A 8 -1.36 -4.50 5.57
C ALA A 8 -1.75 -5.85 4.99
N LYS A 9 -2.73 -5.86 4.09
CA LYS A 9 -3.19 -7.11 3.49
C LYS A 9 -2.39 -7.49 2.26
N PHE A 10 -1.36 -6.71 1.97
CA PHE A 10 -0.48 -6.99 0.86
C PHE A 10 0.92 -7.22 1.38
N LYS A 11 1.30 -8.47 1.47
CA LYS A 11 2.58 -8.86 2.00
C LYS A 11 3.32 -9.75 1.02
N GLY A 12 4.56 -10.08 1.37
CA GLY A 12 5.36 -10.93 0.52
C GLY A 12 6.29 -10.13 -0.33
N TYR A 13 6.16 -10.28 -1.63
CA TYR A 13 7.01 -9.56 -2.55
C TYR A 13 6.20 -8.51 -3.29
N CYS A 14 6.49 -7.25 -3.03
CA CYS A 14 5.82 -6.17 -3.73
C CYS A 14 6.47 -5.94 -5.08
N VAL A 15 6.11 -6.79 -6.03
CA VAL A 15 6.68 -6.74 -7.36
C VAL A 15 6.19 -5.51 -8.12
N SER A 16 4.90 -5.27 -8.08
CA SER A 16 4.32 -4.18 -8.80
C SER A 16 3.44 -3.32 -7.91
N SER A 17 3.52 -2.03 -8.14
CA SER A 17 2.72 -1.10 -7.39
C SER A 17 1.29 -1.11 -7.90
N THR A 18 1.11 -1.50 -9.15
CA THR A 18 -0.20 -1.58 -9.75
C THR A 18 -1.05 -2.62 -9.02
N ASN A 19 -0.44 -3.76 -8.69
CA ASN A 19 -1.14 -4.81 -7.95
C ASN A 19 -1.45 -4.33 -6.54
N CYS A 20 -0.50 -3.60 -5.96
CA CYS A 20 -0.67 -3.03 -4.63
C CYS A 20 -1.95 -2.20 -4.57
N LYS A 21 -2.13 -1.35 -5.58
CA LYS A 21 -3.31 -0.51 -5.68
C LYS A 21 -4.58 -1.34 -5.69
N ASN A 22 -4.54 -2.47 -6.39
CA ASN A 22 -5.71 -3.34 -6.49
C ASN A 22 -6.14 -3.82 -5.11
N VAL A 23 -5.20 -4.41 -4.39
CA VAL A 23 -5.47 -4.91 -3.05
C VAL A 23 -5.87 -3.77 -2.12
N CYS A 24 -5.13 -2.68 -2.17
CA CYS A 24 -5.38 -1.54 -1.30
C CYS A 24 -6.72 -0.84 -1.61
N ARG A 25 -7.08 -0.73 -2.89
CA ARG A 25 -8.37 -0.11 -3.23
C ARG A 25 -9.52 -0.96 -2.75
N THR A 26 -9.30 -2.26 -2.69
CA THR A 26 -10.29 -3.18 -2.18
C THR A 26 -10.43 -2.99 -0.67
N GLU A 27 -9.31 -2.71 -0.01
CA GLU A 27 -9.28 -2.48 1.42
C GLU A 27 -9.93 -1.13 1.75
N GLY A 28 -9.64 -0.12 0.94
CA GLY A 28 -10.22 1.19 1.15
C GLY A 28 -9.25 2.33 0.92
N PHE A 29 -8.16 2.05 0.21
CA PHE A 29 -7.17 3.07 -0.07
C PHE A 29 -7.20 3.44 -1.55
N PRO A 30 -7.56 4.70 -1.87
CA PRO A 30 -7.70 5.18 -3.26
C PRO A 30 -6.38 5.36 -3.99
N THR A 31 -5.29 5.39 -3.25
CA THR A 31 -4.00 5.65 -3.83
C THR A 31 -2.92 4.81 -3.15
N GLY A 32 -1.89 4.42 -3.92
CA GLY A 32 -0.82 3.63 -3.35
C GLY A 32 0.45 3.66 -4.21
N SER A 33 1.60 3.63 -3.55
CA SER A 33 2.90 3.60 -4.20
C SER A 33 3.79 2.60 -3.47
N CYS A 34 4.51 1.78 -4.21
CA CYS A 34 5.28 0.72 -3.58
C CYS A 34 6.77 1.00 -3.45
N ASP A 35 7.22 1.15 -2.22
CA ASP A 35 8.63 1.23 -1.89
C ASP A 35 8.79 1.15 -0.39
N PHE A 36 9.52 0.19 0.10
CA PHE A 36 9.75 0.09 1.53
C PHE A 36 10.98 -0.76 1.75
N HIS A 37 11.87 -0.36 2.64
CA HIS A 37 13.00 -1.21 2.93
C HIS A 37 13.02 -1.62 4.40
N ILE A 38 12.57 -2.84 4.64
CA ILE A 38 12.68 -3.45 5.95
C ILE A 38 13.65 -4.61 5.82
N THR A 39 13.12 -5.66 5.23
CA THR A 39 13.85 -6.85 4.88
C THR A 39 13.37 -7.28 3.49
N SER A 40 12.12 -6.91 3.20
CA SER A 40 11.50 -7.13 1.91
C SER A 40 10.88 -5.81 1.43
N ARG A 41 10.41 -5.77 0.21
CA ARG A 41 9.81 -4.56 -0.34
C ARG A 41 8.30 -4.56 -0.09
N LYS A 42 7.80 -3.47 0.48
CA LYS A 42 6.38 -3.34 0.76
C LYS A 42 5.81 -2.13 0.07
N CYS A 43 4.52 -1.92 0.20
CA CYS A 43 3.87 -0.82 -0.47
C CYS A 43 3.24 0.14 0.52
N TYR A 44 3.07 1.39 0.11
CA TYR A 44 2.44 2.42 0.92
C TYR A 44 1.13 2.85 0.29
N CYS A 45 0.06 2.72 1.03
CA CYS A 45 -1.23 3.11 0.54
C CYS A 45 -1.77 4.27 1.36
N TYR A 46 -2.69 5.01 0.78
CA TYR A 46 -3.21 6.20 1.43
C TYR A 46 -4.63 6.02 1.92
N LYS A 47 -4.85 6.35 3.17
CA LYS A 47 -6.13 6.21 3.83
C LYS A 47 -6.75 7.58 4.13
N PRO A 48 -8.07 7.72 3.96
CA PRO A 48 -8.77 8.94 4.34
C PRO A 48 -8.81 9.09 5.87
N CYS A 49 -8.48 10.27 6.35
CA CYS A 49 -8.44 10.53 7.79
C CYS A 49 -9.06 11.90 8.10
N PRO A 50 -9.43 12.14 9.36
CA PRO A 50 -9.95 13.44 9.79
C PRO A 50 -8.91 14.55 9.60
N ARG A 1 -4.86 14.83 5.98
CA ARG A 1 -5.68 14.26 4.91
C ARG A 1 -5.26 12.83 4.58
N MET A 2 -4.06 12.67 4.05
CA MET A 2 -3.59 11.35 3.69
C MET A 2 -2.60 10.81 4.69
N CYS A 3 -2.88 9.62 5.18
CA CYS A 3 -1.99 8.95 6.09
C CYS A 3 -1.41 7.73 5.41
N LYS A 4 -0.25 7.29 5.85
CA LYS A 4 0.38 6.12 5.26
C LYS A 4 0.10 4.90 6.10
N THR A 5 -0.54 3.93 5.50
CA THR A 5 -0.88 2.72 6.19
C THR A 5 -0.11 1.54 5.60
N PRO A 6 0.65 0.81 6.43
CA PRO A 6 1.38 -0.37 5.99
C PRO A 6 0.42 -1.47 5.56
N SER A 7 0.35 -1.72 4.28
CA SER A 7 -0.57 -2.70 3.73
C SER A 7 -0.20 -4.10 4.21
N ALA A 8 -0.94 -4.59 5.19
CA ALA A 8 -0.70 -5.91 5.77
C ALA A 8 -1.07 -7.00 4.78
N LYS A 9 -1.95 -6.68 3.85
CA LYS A 9 -2.39 -7.65 2.87
C LYS A 9 -1.49 -7.67 1.63
N PHE A 10 -0.41 -6.89 1.68
CA PHE A 10 0.56 -6.88 0.59
C PHE A 10 1.96 -6.62 1.16
N LYS A 11 2.72 -7.68 1.31
CA LYS A 11 4.07 -7.60 1.87
C LYS A 11 4.98 -8.64 1.23
N GLY A 12 6.28 -8.49 1.46
CA GLY A 12 7.23 -9.45 0.94
C GLY A 12 7.66 -9.15 -0.46
N TYR A 13 6.80 -9.48 -1.41
CA TYR A 13 7.11 -9.29 -2.82
C TYR A 13 6.25 -8.21 -3.42
N CYS A 14 6.89 -7.17 -3.92
CA CYS A 14 6.22 -6.09 -4.58
C CYS A 14 6.68 -6.02 -6.03
N VAL A 15 6.14 -6.89 -6.85
CA VAL A 15 6.52 -6.97 -8.25
C VAL A 15 5.82 -5.88 -9.05
N SER A 16 4.55 -5.71 -8.80
CA SER A 16 3.76 -4.73 -9.49
C SER A 16 3.11 -3.77 -8.53
N SER A 17 3.34 -2.50 -8.74
CA SER A 17 2.77 -1.51 -7.87
C SER A 17 1.30 -1.30 -8.17
N THR A 18 0.93 -1.45 -9.44
CA THR A 18 -0.44 -1.31 -9.86
C THR A 18 -1.33 -2.34 -9.16
N ASN A 19 -0.79 -3.53 -8.95
CA ASN A 19 -1.52 -4.59 -8.29
C ASN A 19 -1.87 -4.20 -6.86
N CYS A 20 -0.90 -3.62 -6.15
CA CYS A 20 -1.13 -3.17 -4.79
C CYS A 20 -2.19 -2.08 -4.78
N LYS A 21 -2.14 -1.21 -5.79
CA LYS A 21 -3.12 -0.15 -5.93
C LYS A 21 -4.52 -0.74 -6.01
N ASN A 22 -4.65 -1.82 -6.79
CA ASN A 22 -5.92 -2.53 -6.93
C ASN A 22 -6.36 -3.07 -5.58
N VAL A 23 -5.45 -3.76 -4.90
CA VAL A 23 -5.72 -4.34 -3.59
C VAL A 23 -6.21 -3.28 -2.60
N CYS A 24 -5.42 -2.24 -2.42
CA CYS A 24 -5.75 -1.17 -1.48
C CYS A 24 -7.05 -0.46 -1.86
N ARG A 25 -7.27 -0.24 -3.15
CA ARG A 25 -8.50 0.41 -3.59
C ARG A 25 -9.71 -0.47 -3.32
N THR A 26 -9.49 -1.78 -3.33
CA THR A 26 -10.55 -2.73 -3.03
C THR A 26 -10.90 -2.64 -1.54
N GLU A 27 -9.87 -2.49 -0.71
CA GLU A 27 -10.05 -2.38 0.72
C GLU A 27 -10.77 -1.07 1.07
N GLY A 28 -10.38 0.01 0.39
CA GLY A 28 -11.02 1.29 0.63
C GLY A 28 -10.04 2.45 0.65
N PHE A 29 -8.82 2.21 0.22
CA PHE A 29 -7.81 3.25 0.17
C PHE A 29 -7.84 3.96 -1.18
N PRO A 30 -7.78 5.29 -1.19
CA PRO A 30 -7.83 6.10 -2.42
C PRO A 30 -6.55 5.99 -3.26
N THR A 31 -5.45 5.68 -2.61
CA THR A 31 -4.18 5.62 -3.29
C THR A 31 -3.25 4.57 -2.65
N GLY A 32 -2.48 3.88 -3.47
CA GLY A 32 -1.55 2.89 -2.98
C GLY A 32 -0.19 3.05 -3.59
N SER A 33 0.85 2.87 -2.79
CA SER A 33 2.20 3.05 -3.30
C SER A 33 3.17 2.04 -2.70
N CYS A 34 4.05 1.52 -3.51
CA CYS A 34 5.06 0.59 -3.06
C CYS A 34 6.25 1.38 -2.55
N ASP A 35 6.67 1.09 -1.32
CA ASP A 35 7.76 1.84 -0.71
C ASP A 35 9.05 1.03 -0.77
N PHE A 36 10.05 1.46 -0.02
CA PHE A 36 11.34 0.82 -0.05
C PHE A 36 11.40 -0.30 0.98
N HIS A 37 12.14 -1.36 0.64
CA HIS A 37 12.24 -2.54 1.50
C HIS A 37 13.05 -2.27 2.76
N ILE A 38 12.39 -2.33 3.90
CA ILE A 38 13.04 -2.17 5.19
C ILE A 38 13.62 -3.52 5.58
N THR A 39 12.73 -4.43 5.93
CA THR A 39 13.10 -5.81 6.19
C THR A 39 12.74 -6.62 4.95
N SER A 40 11.54 -6.36 4.47
CA SER A 40 11.03 -6.92 3.25
C SER A 40 10.37 -5.78 2.47
N ARG A 41 10.12 -5.98 1.19
CA ARG A 41 9.49 -4.94 0.41
C ARG A 41 7.99 -4.94 0.67
N LYS A 42 7.53 -3.91 1.36
CA LYS A 42 6.14 -3.80 1.72
C LYS A 42 5.48 -2.68 0.95
N CYS A 43 4.19 -2.75 0.84
CA CYS A 43 3.44 -1.72 0.18
C CYS A 43 2.84 -0.81 1.22
N TYR A 44 2.81 0.47 0.93
CA TYR A 44 2.26 1.43 1.85
C TYR A 44 1.26 2.29 1.13
N CYS A 45 0.01 2.11 1.46
CA CYS A 45 -1.05 2.84 0.82
C CYS A 45 -1.49 4.01 1.67
N TYR A 46 -2.35 4.84 1.12
CA TYR A 46 -2.78 6.03 1.82
C TYR A 46 -4.20 5.89 2.29
N LYS A 47 -4.42 6.32 3.51
CA LYS A 47 -5.73 6.25 4.12
C LYS A 47 -6.29 7.66 4.26
N PRO A 48 -7.58 7.83 3.97
CA PRO A 48 -8.25 9.10 4.14
C PRO A 48 -8.46 9.41 5.63
N CYS A 49 -7.84 10.46 6.09
CA CYS A 49 -7.95 10.87 7.47
C CYS A 49 -8.56 12.26 7.54
N PRO A 50 -9.80 12.35 8.02
CA PRO A 50 -10.47 13.61 8.21
C PRO A 50 -10.13 14.24 9.56
N ARG A 1 -5.05 16.00 5.86
CA ARG A 1 -4.67 14.83 6.68
C ARG A 1 -4.75 13.56 5.84
N MET A 2 -3.90 12.61 6.13
CA MET A 2 -3.89 11.37 5.40
C MET A 2 -3.81 10.19 6.36
N CYS A 3 -4.31 9.06 5.93
CA CYS A 3 -4.29 7.86 6.73
C CYS A 3 -3.35 6.85 6.08
N LYS A 4 -2.39 6.35 6.84
CA LYS A 4 -1.41 5.40 6.33
C LYS A 4 -1.76 3.99 6.71
N THR A 5 -1.88 3.14 5.73
CA THR A 5 -2.14 1.74 5.97
C THR A 5 -1.36 0.88 4.98
N PRO A 6 -0.39 0.11 5.49
CA PRO A 6 0.41 -0.77 4.66
C PRO A 6 -0.36 -2.01 4.24
N SER A 7 0.06 -2.62 3.16
CA SER A 7 -0.59 -3.81 2.69
C SER A 7 -0.28 -4.98 3.64
N ALA A 8 -1.23 -5.30 4.49
CA ALA A 8 -1.06 -6.37 5.46
C ALA A 8 -1.42 -7.71 4.85
N LYS A 9 -2.35 -7.69 3.90
CA LYS A 9 -2.77 -8.90 3.22
C LYS A 9 -1.96 -9.13 1.95
N PHE A 10 -0.84 -8.44 1.86
CA PHE A 10 0.06 -8.58 0.74
C PHE A 10 1.50 -8.49 1.21
N LYS A 11 2.19 -9.60 1.18
CA LYS A 11 3.58 -9.66 1.59
C LYS A 11 4.42 -10.34 0.53
N GLY A 12 5.71 -10.11 0.59
CA GLY A 12 6.60 -10.69 -0.38
C GLY A 12 7.36 -9.64 -1.11
N TYR A 13 7.22 -9.61 -2.42
CA TYR A 13 7.90 -8.64 -3.23
C TYR A 13 6.93 -7.68 -3.87
N CYS A 14 6.96 -6.43 -3.43
CA CYS A 14 6.15 -5.39 -4.04
C CYS A 14 6.83 -4.89 -5.31
N VAL A 15 6.66 -5.63 -6.37
CA VAL A 15 7.28 -5.28 -7.64
C VAL A 15 6.44 -4.24 -8.36
N SER A 16 5.15 -4.51 -8.49
CA SER A 16 4.25 -3.63 -9.17
C SER A 16 3.37 -2.89 -8.19
N SER A 17 3.20 -1.61 -8.42
CA SER A 17 2.38 -0.80 -7.56
C SER A 17 0.90 -1.01 -7.85
N THR A 18 0.60 -1.43 -9.07
CA THR A 18 -0.77 -1.62 -9.52
C THR A 18 -1.54 -2.59 -8.62
N ASN A 19 -0.99 -3.79 -8.38
CA ASN A 19 -1.66 -4.79 -7.55
C ASN A 19 -1.80 -4.29 -6.11
N CYS A 20 -0.81 -3.53 -5.64
CA CYS A 20 -0.85 -2.96 -4.30
C CYS A 20 -2.04 -2.05 -4.14
N LYS A 21 -2.22 -1.18 -5.14
CA LYS A 21 -3.34 -0.27 -5.17
C LYS A 21 -4.65 -1.03 -5.10
N ASN A 22 -4.72 -2.14 -5.83
CA ASN A 22 -5.93 -2.95 -5.87
C ASN A 22 -6.27 -3.52 -4.50
N VAL A 23 -5.26 -4.07 -3.82
CA VAL A 23 -5.47 -4.61 -2.49
C VAL A 23 -6.01 -3.53 -1.55
N CYS A 24 -5.39 -2.38 -1.60
CA CYS A 24 -5.77 -1.26 -0.75
C CYS A 24 -7.11 -0.65 -1.18
N ARG A 25 -7.39 -0.66 -2.48
CA ARG A 25 -8.67 -0.13 -2.99
C ARG A 25 -9.83 -0.92 -2.42
N THR A 26 -9.63 -2.22 -2.25
CA THR A 26 -10.65 -3.08 -1.68
C THR A 26 -10.91 -2.67 -0.22
N GLU A 27 -9.88 -2.17 0.45
CA GLU A 27 -10.00 -1.71 1.83
C GLU A 27 -10.64 -0.31 1.88
N GLY A 28 -10.36 0.48 0.87
CA GLY A 28 -10.90 1.83 0.82
C GLY A 28 -9.82 2.86 0.64
N PHE A 29 -8.60 2.40 0.44
CA PHE A 29 -7.46 3.28 0.24
C PHE A 29 -7.11 3.34 -1.24
N PRO A 30 -7.37 4.49 -1.87
CA PRO A 30 -7.19 4.68 -3.32
C PRO A 30 -5.74 4.79 -3.75
N THR A 31 -4.93 5.32 -2.90
CA THR A 31 -3.56 5.59 -3.21
C THR A 31 -2.63 4.56 -2.61
N GLY A 32 -1.94 3.83 -3.46
CA GLY A 32 -0.97 2.85 -3.01
C GLY A 32 0.42 3.22 -3.46
N SER A 33 1.36 3.21 -2.56
CA SER A 33 2.72 3.58 -2.90
C SER A 33 3.72 2.57 -2.38
N CYS A 34 4.50 2.01 -3.28
CA CYS A 34 5.51 1.04 -2.93
C CYS A 34 6.74 1.77 -2.40
N ASP A 35 7.24 1.35 -1.25
CA ASP A 35 8.38 2.03 -0.63
C ASP A 35 9.66 1.24 -0.86
N PHE A 36 10.71 1.63 -0.16
CA PHE A 36 11.98 0.94 -0.28
C PHE A 36 12.06 -0.15 0.78
N HIS A 37 12.50 -1.33 0.35
CA HIS A 37 12.53 -2.49 1.23
C HIS A 37 13.37 -2.27 2.49
N ILE A 38 12.71 -2.29 3.63
CA ILE A 38 13.38 -2.21 4.93
C ILE A 38 14.06 -3.54 5.19
N THR A 39 13.34 -4.60 4.89
CA THR A 39 13.83 -5.96 4.95
C THR A 39 13.19 -6.74 3.83
N SER A 40 11.89 -6.59 3.72
CA SER A 40 11.13 -7.18 2.65
C SER A 40 10.56 -6.05 1.80
N ARG A 41 10.24 -6.33 0.55
CA ARG A 41 9.71 -5.30 -0.32
C ARG A 41 8.21 -5.14 -0.09
N LYS A 42 7.85 -4.08 0.62
CA LYS A 42 6.48 -3.84 1.05
C LYS A 42 5.86 -2.67 0.30
N CYS A 43 4.61 -2.37 0.63
CA CYS A 43 3.88 -1.29 0.01
C CYS A 43 3.02 -0.58 1.05
N TYR A 44 2.98 0.74 0.99
CA TYR A 44 2.21 1.53 1.93
C TYR A 44 1.15 2.35 1.20
N CYS A 45 -0.07 2.23 1.63
CA CYS A 45 -1.16 2.94 0.99
C CYS A 45 -1.64 4.10 1.86
N TYR A 46 -2.16 5.12 1.19
CA TYR A 46 -2.62 6.32 1.87
C TYR A 46 -4.03 6.68 1.44
N LYS A 47 -4.67 7.51 2.23
CA LYS A 47 -6.03 7.96 1.96
C LYS A 47 -6.22 9.36 2.52
N PRO A 48 -6.83 10.26 1.74
CA PRO A 48 -7.14 11.61 2.22
C PRO A 48 -8.21 11.56 3.30
N CYS A 49 -7.86 11.96 4.49
CA CYS A 49 -8.77 11.91 5.61
C CYS A 49 -9.00 13.31 6.19
N PRO A 50 -10.25 13.62 6.54
CA PRO A 50 -10.60 14.91 7.16
C PRO A 50 -9.85 15.12 8.47
N ARG A 1 -5.92 15.54 5.32
CA ARG A 1 -4.89 14.78 6.04
C ARG A 1 -4.71 13.42 5.37
N MET A 2 -3.48 13.02 5.21
CA MET A 2 -3.22 11.74 4.62
C MET A 2 -3.07 10.68 5.70
N CYS A 3 -3.67 9.54 5.49
CA CYS A 3 -3.63 8.47 6.47
C CYS A 3 -2.81 7.29 5.94
N LYS A 4 -1.83 6.87 6.73
CA LYS A 4 -0.91 5.81 6.32
C LYS A 4 -1.32 4.47 6.90
N THR A 5 -1.43 3.48 6.05
CA THR A 5 -1.75 2.14 6.49
C THR A 5 -0.98 1.11 5.66
N PRO A 6 -0.17 0.28 6.32
CA PRO A 6 0.60 -0.77 5.65
C PRO A 6 -0.32 -1.79 4.99
N SER A 7 0.03 -2.24 3.81
CA SER A 7 -0.78 -3.20 3.11
C SER A 7 -0.74 -4.55 3.84
N ALA A 8 -1.79 -4.82 4.61
CA ALA A 8 -1.88 -6.04 5.39
C ALA A 8 -1.96 -7.27 4.51
N LYS A 9 -2.55 -7.12 3.34
CA LYS A 9 -2.71 -8.22 2.42
C LYS A 9 -1.65 -8.20 1.32
N PHE A 10 -0.65 -7.36 1.47
CA PHE A 10 0.40 -7.25 0.47
C PHE A 10 1.74 -6.95 1.13
N LYS A 11 2.55 -7.98 1.32
CA LYS A 11 3.85 -7.86 1.95
C LYS A 11 4.81 -8.88 1.36
N GLY A 12 6.01 -8.45 1.03
CA GLY A 12 6.98 -9.37 0.49
C GLY A 12 7.46 -8.94 -0.86
N TYR A 13 6.66 -9.21 -1.87
CA TYR A 13 7.00 -8.85 -3.22
C TYR A 13 6.07 -7.76 -3.72
N CYS A 14 6.61 -6.59 -3.91
CA CYS A 14 5.85 -5.46 -4.40
C CYS A 14 6.23 -5.17 -5.84
N VAL A 15 5.65 -5.95 -6.75
CA VAL A 15 5.91 -5.86 -8.18
C VAL A 15 5.69 -4.44 -8.69
N SER A 16 4.52 -3.90 -8.39
CA SER A 16 4.20 -2.56 -8.82
C SER A 16 3.30 -1.90 -7.81
N SER A 17 3.25 -0.59 -7.86
CA SER A 17 2.41 0.14 -6.97
C SER A 17 0.95 -0.06 -7.34
N THR A 18 0.69 -0.22 -8.63
CA THR A 18 -0.65 -0.45 -9.12
C THR A 18 -1.22 -1.74 -8.54
N ASN A 19 -0.42 -2.80 -8.58
CA ASN A 19 -0.82 -4.10 -8.04
C ASN A 19 -1.19 -3.96 -6.56
N CYS A 20 -0.41 -3.18 -5.84
CA CYS A 20 -0.66 -2.92 -4.43
C CYS A 20 -1.93 -2.10 -4.26
N LYS A 21 -2.10 -1.08 -5.10
CA LYS A 21 -3.29 -0.24 -5.07
C LYS A 21 -4.54 -1.10 -5.22
N ASN A 22 -4.49 -2.05 -6.14
CA ASN A 22 -5.62 -2.93 -6.43
C ASN A 22 -6.14 -3.61 -5.17
N VAL A 23 -5.25 -4.25 -4.42
CA VAL A 23 -5.65 -4.95 -3.21
C VAL A 23 -6.02 -3.95 -2.10
N CYS A 24 -5.34 -2.82 -2.08
CA CYS A 24 -5.63 -1.78 -1.10
C CYS A 24 -7.01 -1.16 -1.31
N ARG A 25 -7.44 -1.08 -2.56
CA ARG A 25 -8.76 -0.53 -2.87
C ARG A 25 -9.85 -1.42 -2.29
N THR A 26 -9.56 -2.71 -2.23
CA THR A 26 -10.49 -3.68 -1.66
C THR A 26 -10.55 -3.51 -0.13
N GLU A 27 -9.51 -2.90 0.41
CA GLU A 27 -9.43 -2.59 1.83
C GLU A 27 -10.04 -1.23 2.13
N GLY A 28 -10.12 -0.39 1.09
CA GLY A 28 -10.69 0.92 1.24
C GLY A 28 -9.66 2.03 1.08
N PHE A 29 -8.54 1.71 0.45
CA PHE A 29 -7.48 2.67 0.22
C PHE A 29 -7.23 2.87 -1.27
N PRO A 30 -7.71 4.00 -1.84
CA PRO A 30 -7.55 4.31 -3.27
C PRO A 30 -6.12 4.59 -3.65
N THR A 31 -5.41 5.17 -2.73
CA THR A 31 -4.07 5.58 -2.94
C THR A 31 -3.09 4.56 -2.35
N GLY A 32 -2.11 4.18 -3.13
CA GLY A 32 -1.14 3.20 -2.68
C GLY A 32 0.25 3.52 -3.16
N SER A 33 1.24 3.21 -2.35
CA SER A 33 2.62 3.49 -2.71
C SER A 33 3.54 2.41 -2.19
N CYS A 34 4.48 2.00 -3.02
CA CYS A 34 5.43 1.00 -2.65
C CYS A 34 6.57 1.67 -1.87
N ASP A 35 6.99 1.06 -0.78
CA ASP A 35 8.01 1.66 0.08
C ASP A 35 9.37 0.98 -0.14
N PHE A 36 10.32 1.26 0.73
CA PHE A 36 11.65 0.71 0.60
C PHE A 36 11.75 -0.61 1.33
N HIS A 37 12.51 -1.53 0.74
CA HIS A 37 12.65 -2.87 1.29
C HIS A 37 13.63 -2.95 2.46
N ILE A 38 13.20 -3.58 3.52
CA ILE A 38 14.07 -3.84 4.66
C ILE A 38 14.73 -5.18 4.39
N THR A 39 13.91 -6.22 4.37
CA THR A 39 14.33 -7.54 3.98
C THR A 39 13.62 -7.87 2.68
N SER A 40 12.33 -7.56 2.66
CA SER A 40 11.50 -7.70 1.50
C SER A 40 10.86 -6.36 1.18
N ARG A 41 10.37 -6.19 -0.02
CA ARG A 41 9.75 -4.93 -0.40
C ARG A 41 8.37 -4.79 0.24
N LYS A 42 8.13 -3.64 0.85
CA LYS A 42 6.86 -3.38 1.52
C LYS A 42 6.04 -2.36 0.77
N CYS A 43 4.78 -2.25 1.13
CA CYS A 43 3.90 -1.31 0.49
C CYS A 43 3.03 -0.64 1.55
N TYR A 44 2.80 0.65 1.38
CA TYR A 44 1.97 1.40 2.30
C TYR A 44 0.96 2.22 1.54
N CYS A 45 -0.29 1.97 1.81
CA CYS A 45 -1.35 2.66 1.13
C CYS A 45 -1.91 3.78 1.99
N TYR A 46 -2.52 4.75 1.35
CA TYR A 46 -3.01 5.92 2.03
C TYR A 46 -4.47 6.15 1.74
N LYS A 47 -5.17 6.66 2.73
CA LYS A 47 -6.57 6.98 2.59
C LYS A 47 -6.75 8.48 2.74
N PRO A 48 -7.52 9.12 1.84
CA PRO A 48 -7.83 10.54 1.95
C PRO A 48 -8.71 10.79 3.16
N CYS A 49 -8.18 11.54 4.11
CA CYS A 49 -8.90 11.83 5.32
C CYS A 49 -9.11 13.34 5.43
N PRO A 50 -10.30 13.78 5.86
CA PRO A 50 -10.60 15.22 6.01
C PRO A 50 -9.68 15.89 7.02
N ARG A 1 -5.48 15.31 4.72
CA ARG A 1 -4.37 14.54 5.29
C ARG A 1 -4.45 13.10 4.88
N MET A 2 -3.32 12.51 4.57
CA MET A 2 -3.30 11.12 4.17
C MET A 2 -2.44 10.32 5.14
N CYS A 3 -2.90 9.13 5.47
CA CYS A 3 -2.15 8.28 6.38
C CYS A 3 -1.63 7.06 5.65
N LYS A 4 -0.50 6.55 6.10
CA LYS A 4 0.13 5.42 5.46
C LYS A 4 -0.21 4.13 6.18
N THR A 5 -0.88 3.25 5.47
CA THR A 5 -1.28 1.98 6.04
C THR A 5 -0.94 0.85 5.06
N PRO A 6 -0.30 -0.22 5.55
CA PRO A 6 0.04 -1.37 4.71
C PRO A 6 -1.18 -2.16 4.29
N SER A 7 -1.08 -2.83 3.16
CA SER A 7 -2.15 -3.65 2.66
C SER A 7 -2.42 -4.80 3.64
N ALA A 8 -3.69 -5.12 3.84
CA ALA A 8 -4.05 -6.17 4.78
C ALA A 8 -4.43 -7.44 4.03
N LYS A 9 -4.99 -7.27 2.84
CA LYS A 9 -5.37 -8.40 2.02
C LYS A 9 -4.19 -8.88 1.17
N PHE A 10 -3.05 -8.22 1.34
CA PHE A 10 -1.84 -8.58 0.65
C PHE A 10 -0.63 -8.19 1.48
N LYS A 11 0.24 -9.15 1.73
CA LYS A 11 1.44 -8.89 2.51
C LYS A 11 2.63 -9.59 1.87
N GLY A 12 3.67 -8.84 1.60
CA GLY A 12 4.85 -9.41 1.01
C GLY A 12 5.75 -8.37 0.40
N TYR A 13 6.48 -8.76 -0.61
CA TYR A 13 7.41 -7.88 -1.28
C TYR A 13 6.68 -7.03 -2.31
N CYS A 14 7.14 -5.81 -2.50
CA CYS A 14 6.54 -4.94 -3.48
C CYS A 14 7.13 -5.21 -4.86
N VAL A 15 6.66 -6.27 -5.49
CA VAL A 15 7.11 -6.64 -6.80
C VAL A 15 6.22 -6.00 -7.85
N SER A 16 4.98 -5.73 -7.47
CA SER A 16 4.03 -5.09 -8.35
C SER A 16 3.34 -3.94 -7.66
N SER A 17 3.51 -2.75 -8.18
CA SER A 17 2.91 -1.59 -7.60
C SER A 17 1.43 -1.52 -7.96
N THR A 18 1.10 -1.95 -9.16
CA THR A 18 -0.27 -1.94 -9.63
C THR A 18 -1.16 -2.83 -8.76
N ASN A 19 -0.74 -4.09 -8.60
CA ASN A 19 -1.50 -5.06 -7.80
C ASN A 19 -1.67 -4.57 -6.37
N CYS A 20 -0.59 -4.01 -5.80
CA CYS A 20 -0.64 -3.48 -4.44
C CYS A 20 -1.78 -2.47 -4.31
N LYS A 21 -1.86 -1.54 -5.27
CA LYS A 21 -2.91 -0.55 -5.28
C LYS A 21 -4.28 -1.20 -5.44
N ASN A 22 -4.34 -2.24 -6.28
CA ASN A 22 -5.58 -2.97 -6.52
C ASN A 22 -6.14 -3.52 -5.23
N VAL A 23 -5.28 -4.20 -4.48
CA VAL A 23 -5.67 -4.78 -3.20
C VAL A 23 -6.19 -3.71 -2.25
N CYS A 24 -5.44 -2.62 -2.15
CA CYS A 24 -5.80 -1.51 -1.29
C CYS A 24 -7.10 -0.85 -1.72
N ARG A 25 -7.35 -0.79 -3.03
CA ARG A 25 -8.58 -0.20 -3.53
C ARG A 25 -9.78 -1.03 -3.11
N THR A 26 -9.56 -2.33 -2.95
CA THR A 26 -10.61 -3.22 -2.48
C THR A 26 -10.86 -2.99 -0.98
N GLU A 27 -9.85 -2.47 -0.30
CA GLU A 27 -9.94 -2.18 1.13
C GLU A 27 -10.42 -0.75 1.36
N GLY A 28 -10.59 0.00 0.28
CA GLY A 28 -11.10 1.36 0.38
C GLY A 28 -10.01 2.43 0.35
N PHE A 29 -8.85 2.10 -0.16
CA PHE A 29 -7.77 3.07 -0.25
C PHE A 29 -7.74 3.69 -1.65
N PRO A 30 -7.84 5.02 -1.73
CA PRO A 30 -7.85 5.74 -3.00
C PRO A 30 -6.44 6.04 -3.52
N THR A 31 -5.45 5.61 -2.76
CA THR A 31 -4.09 5.91 -3.10
C THR A 31 -3.15 4.80 -2.59
N GLY A 32 -2.17 4.45 -3.40
CA GLY A 32 -1.21 3.44 -3.02
C GLY A 32 0.14 3.69 -3.65
N SER A 33 1.21 3.38 -2.94
CA SER A 33 2.54 3.63 -3.46
C SER A 33 3.55 2.62 -2.94
N CYS A 34 4.42 2.16 -3.82
CA CYS A 34 5.45 1.21 -3.45
C CYS A 34 6.44 1.89 -2.49
N ASP A 35 6.91 1.15 -1.51
CA ASP A 35 7.81 1.70 -0.51
C ASP A 35 9.25 1.27 -0.82
N PHE A 36 10.19 1.80 -0.08
CA PHE A 36 11.58 1.50 -0.29
C PHE A 36 11.99 0.31 0.57
N HIS A 37 13.12 -0.27 0.29
CA HIS A 37 13.57 -1.43 1.02
C HIS A 37 14.42 -1.07 2.23
N ILE A 38 14.07 -1.63 3.36
CA ILE A 38 14.89 -1.50 4.56
C ILE A 38 15.61 -2.83 4.72
N THR A 39 14.83 -3.86 4.99
CA THR A 39 15.33 -5.21 5.01
C THR A 39 14.74 -5.94 3.80
N SER A 40 13.66 -5.36 3.29
CA SER A 40 12.95 -5.86 2.12
C SER A 40 12.12 -4.72 1.55
N ARG A 41 11.70 -4.85 0.29
CA ARG A 41 10.88 -3.81 -0.33
C ARG A 41 9.41 -4.02 0.02
N LYS A 42 8.81 -3.04 0.66
CA LYS A 42 7.42 -3.15 1.09
C LYS A 42 6.52 -2.24 0.27
N CYS A 43 5.24 -2.24 0.58
CA CYS A 43 4.28 -1.40 -0.11
C CYS A 43 3.27 -0.87 0.91
N TYR A 44 2.84 0.37 0.71
CA TYR A 44 1.87 0.98 1.61
C TYR A 44 0.86 1.78 0.82
N CYS A 45 -0.30 1.92 1.38
CA CYS A 45 -1.34 2.67 0.74
C CYS A 45 -1.84 3.78 1.65
N TYR A 46 -2.45 4.78 1.06
CA TYR A 46 -2.87 5.94 1.81
C TYR A 46 -4.38 6.03 1.94
N LYS A 47 -4.81 6.43 3.11
CA LYS A 47 -6.20 6.62 3.42
C LYS A 47 -6.39 8.03 3.98
N PRO A 48 -7.45 8.74 3.55
CA PRO A 48 -7.73 10.10 4.03
C PRO A 48 -7.97 10.14 5.55
N CYS A 49 -7.39 11.14 6.19
CA CYS A 49 -7.51 11.32 7.61
C CYS A 49 -7.86 12.77 7.92
N PRO A 50 -8.99 13.02 8.59
CA PRO A 50 -9.40 14.36 9.00
C PRO A 50 -8.59 14.83 10.21
N ARG A 1 -5.31 15.68 4.66
CA ARG A 1 -5.75 15.05 3.42
C ARG A 1 -5.72 13.53 3.52
N MET A 2 -4.55 12.97 3.77
CA MET A 2 -4.43 11.53 3.84
C MET A 2 -3.48 11.09 4.95
N CYS A 3 -3.69 9.88 5.43
CA CYS A 3 -2.83 9.27 6.42
C CYS A 3 -2.22 8.01 5.83
N LYS A 4 -1.19 7.49 6.45
CA LYS A 4 -0.57 6.26 5.96
C LYS A 4 -1.08 5.09 6.76
N THR A 5 -1.41 4.02 6.08
CA THR A 5 -1.90 2.83 6.72
C THR A 5 -1.31 1.60 6.03
N PRO A 6 -0.62 0.74 6.80
CA PRO A 6 -0.04 -0.50 6.27
C PRO A 6 -1.11 -1.45 5.75
N SER A 7 -0.89 -1.97 4.56
CA SER A 7 -1.81 -2.89 3.94
C SER A 7 -1.88 -4.20 4.75
N ALA A 8 -3.08 -4.68 4.99
CA ALA A 8 -3.26 -5.89 5.79
C ALA A 8 -3.30 -7.13 4.89
N LYS A 9 -3.77 -6.95 3.68
CA LYS A 9 -3.89 -8.06 2.74
C LYS A 9 -2.68 -8.13 1.81
N PHE A 10 -1.64 -7.38 2.12
CA PHE A 10 -0.45 -7.37 1.29
C PHE A 10 0.81 -7.57 2.13
N LYS A 11 1.45 -8.72 1.93
CA LYS A 11 2.71 -9.02 2.58
C LYS A 11 3.56 -9.88 1.66
N GLY A 12 4.68 -9.33 1.21
CA GLY A 12 5.55 -10.05 0.33
C GLY A 12 6.47 -9.13 -0.44
N TYR A 13 6.48 -9.26 -1.75
CA TYR A 13 7.32 -8.43 -2.60
C TYR A 13 6.48 -7.50 -3.46
N CYS A 14 6.74 -6.21 -3.31
CA CYS A 14 6.08 -5.18 -4.08
C CYS A 14 6.69 -5.11 -5.49
N VAL A 15 6.25 -6.02 -6.35
CA VAL A 15 6.74 -6.09 -7.71
C VAL A 15 6.31 -4.88 -8.55
N SER A 16 5.19 -4.29 -8.20
CA SER A 16 4.69 -3.14 -8.92
C SER A 16 3.89 -2.24 -8.01
N SER A 17 3.86 -0.96 -8.32
CA SER A 17 3.09 -0.03 -7.57
C SER A 17 1.62 -0.16 -7.94
N THR A 18 1.38 -0.59 -9.17
CA THR A 18 0.05 -0.79 -9.67
C THR A 18 -0.70 -1.82 -8.84
N ASN A 19 -0.11 -3.01 -8.70
CA ASN A 19 -0.73 -4.09 -7.93
C ASN A 19 -0.88 -3.69 -6.47
N CYS A 20 0.11 -2.96 -5.95
CA CYS A 20 0.06 -2.44 -4.59
C CYS A 20 -1.23 -1.64 -4.38
N LYS A 21 -1.54 -0.77 -5.33
CA LYS A 21 -2.75 0.04 -5.27
C LYS A 21 -3.99 -0.85 -5.39
N ASN A 22 -3.94 -1.81 -6.32
CA ASN A 22 -5.08 -2.71 -6.58
C ASN A 22 -5.51 -3.44 -5.33
N VAL A 23 -4.54 -4.02 -4.62
CA VAL A 23 -4.82 -4.75 -3.40
C VAL A 23 -5.44 -3.83 -2.35
N CYS A 24 -4.85 -2.66 -2.18
CA CYS A 24 -5.35 -1.69 -1.22
C CYS A 24 -6.73 -1.17 -1.61
N ARG A 25 -6.95 -0.98 -2.90
CA ARG A 25 -8.25 -0.53 -3.40
C ARG A 25 -9.33 -1.52 -3.01
N THR A 26 -8.97 -2.79 -3.01
CA THR A 26 -9.89 -3.84 -2.64
C THR A 26 -9.99 -3.96 -1.11
N GLU A 27 -8.92 -3.59 -0.41
CA GLU A 27 -8.88 -3.66 1.03
C GLU A 27 -9.67 -2.49 1.65
N GLY A 28 -9.53 -1.31 1.05
CA GLY A 28 -10.26 -0.15 1.52
C GLY A 28 -9.42 1.12 1.52
N PHE A 29 -8.65 1.34 0.46
CA PHE A 29 -7.83 2.54 0.34
C PHE A 29 -7.86 3.07 -1.10
N PRO A 30 -7.88 4.40 -1.28
CA PRO A 30 -7.90 5.02 -2.60
C PRO A 30 -6.52 5.13 -3.25
N THR A 31 -5.52 5.33 -2.43
CA THR A 31 -4.19 5.57 -2.91
C THR A 31 -3.19 4.59 -2.29
N GLY A 32 -2.29 4.06 -3.12
CA GLY A 32 -1.29 3.13 -2.66
C GLY A 32 0.11 3.55 -3.06
N SER A 33 1.11 3.03 -2.37
CA SER A 33 2.50 3.38 -2.65
C SER A 33 3.46 2.25 -2.23
N CYS A 34 4.57 2.17 -2.91
CA CYS A 34 5.56 1.15 -2.62
C CYS A 34 6.69 1.76 -1.76
N ASP A 35 7.16 1.01 -0.76
CA ASP A 35 8.17 1.54 0.18
C ASP A 35 9.58 1.01 -0.12
N PHE A 36 10.49 1.24 0.81
CA PHE A 36 11.87 0.82 0.67
C PHE A 36 12.08 -0.58 1.22
N HIS A 37 12.83 -1.38 0.51
CA HIS A 37 13.06 -2.77 0.88
C HIS A 37 14.00 -2.91 2.09
N ILE A 38 13.44 -3.37 3.20
CA ILE A 38 14.25 -3.68 4.37
C ILE A 38 14.73 -5.12 4.23
N THR A 39 13.77 -5.99 3.98
CA THR A 39 14.04 -7.38 3.66
C THR A 39 13.35 -7.70 2.35
N SER A 40 12.30 -6.94 2.07
CA SER A 40 11.56 -7.07 0.86
C SER A 40 10.83 -5.76 0.58
N ARG A 41 10.66 -5.43 -0.68
CA ARG A 41 9.94 -4.23 -1.06
C ARG A 41 8.46 -4.43 -0.69
N LYS A 42 7.86 -3.49 0.01
CA LYS A 42 6.50 -3.67 0.47
C LYS A 42 5.56 -2.58 -0.04
N CYS A 43 4.31 -2.68 0.35
CA CYS A 43 3.29 -1.75 -0.08
C CYS A 43 2.60 -1.10 1.12
N TYR A 44 2.55 0.22 1.10
CA TYR A 44 1.87 1.01 2.11
C TYR A 44 0.92 1.94 1.42
N CYS A 45 -0.28 2.03 1.92
CA CYS A 45 -1.27 2.82 1.25
C CYS A 45 -1.79 3.95 2.13
N TYR A 46 -2.52 4.86 1.52
CA TYR A 46 -3.01 6.03 2.21
C TYR A 46 -4.51 5.95 2.41
N LYS A 47 -4.95 6.53 3.51
CA LYS A 47 -6.35 6.55 3.86
C LYS A 47 -6.82 8.01 4.01
N PRO A 48 -8.00 8.35 3.47
CA PRO A 48 -8.54 9.73 3.54
C PRO A 48 -8.70 10.23 4.98
N CYS A 49 -8.14 11.38 5.24
CA CYS A 49 -8.22 12.00 6.56
C CYS A 49 -8.51 13.50 6.40
N PRO A 50 -9.11 14.13 7.42
CA PRO A 50 -9.36 15.56 7.40
C PRO A 50 -8.05 16.35 7.33
N ARG A 1 -7.53 14.93 5.55
CA ARG A 1 -6.11 14.58 5.76
C ARG A 1 -5.78 13.24 5.09
N MET A 2 -4.51 13.04 4.80
CA MET A 2 -4.07 11.81 4.21
C MET A 2 -3.02 11.16 5.13
N CYS A 3 -3.16 9.87 5.33
CA CYS A 3 -2.24 9.14 6.18
C CYS A 3 -1.56 8.02 5.41
N LYS A 4 -0.42 7.56 5.90
CA LYS A 4 0.31 6.47 5.24
C LYS A 4 0.04 5.17 5.96
N THR A 5 -0.47 4.20 5.23
CA THR A 5 -0.79 2.92 5.81
C THR A 5 -0.29 1.78 4.91
N PRO A 6 0.42 0.80 5.49
CA PRO A 6 0.93 -0.36 4.74
C PRO A 6 -0.21 -1.21 4.20
N SER A 7 0.02 -1.84 3.06
CA SER A 7 -0.98 -2.70 2.44
C SER A 7 -1.32 -3.88 3.35
N ALA A 8 -2.59 -3.99 3.73
CA ALA A 8 -3.04 -5.01 4.67
C ALA A 8 -3.03 -6.41 4.08
N LYS A 9 -3.83 -6.64 3.04
CA LYS A 9 -3.93 -7.99 2.47
C LYS A 9 -2.93 -8.23 1.34
N PHE A 10 -1.86 -7.44 1.32
CA PHE A 10 -0.82 -7.64 0.33
C PHE A 10 0.23 -8.57 0.90
N LYS A 11 0.50 -9.65 0.21
CA LYS A 11 1.44 -10.64 0.69
C LYS A 11 2.62 -10.75 -0.24
N GLY A 12 3.77 -11.04 0.32
CA GLY A 12 4.94 -11.22 -0.47
C GLY A 12 5.79 -9.98 -0.53
N TYR A 13 6.34 -9.73 -1.68
CA TYR A 13 7.18 -8.57 -1.89
C TYR A 13 6.50 -7.62 -2.85
N CYS A 14 6.87 -6.36 -2.78
CA CYS A 14 6.31 -5.37 -3.67
C CYS A 14 6.95 -5.48 -5.04
N VAL A 15 6.50 -6.45 -5.81
CA VAL A 15 6.99 -6.65 -7.15
C VAL A 15 6.14 -5.88 -8.15
N SER A 16 4.93 -5.57 -7.74
CA SER A 16 4.03 -4.86 -8.59
C SER A 16 3.24 -3.84 -7.80
N SER A 17 3.35 -2.60 -8.19
CA SER A 17 2.62 -1.55 -7.55
C SER A 17 1.17 -1.56 -8.01
N THR A 18 0.96 -2.02 -9.25
CA THR A 18 -0.37 -2.09 -9.82
C THR A 18 -1.26 -3.01 -8.98
N ASN A 19 -0.79 -4.24 -8.75
CA ASN A 19 -1.52 -5.22 -7.96
C ASN A 19 -1.78 -4.69 -6.54
N CYS A 20 -0.80 -3.97 -6.01
CA CYS A 20 -0.92 -3.37 -4.69
C CYS A 20 -2.08 -2.38 -4.64
N LYS A 21 -2.21 -1.56 -5.69
CA LYS A 21 -3.28 -0.57 -5.75
C LYS A 21 -4.65 -1.25 -5.70
N ASN A 22 -4.75 -2.43 -6.29
CA ASN A 22 -6.01 -3.18 -6.29
C ASN A 22 -6.42 -3.54 -4.87
N VAL A 23 -5.55 -4.26 -4.17
CA VAL A 23 -5.82 -4.70 -2.83
C VAL A 23 -5.97 -3.52 -1.86
N CYS A 24 -5.13 -2.51 -2.03
CA CYS A 24 -5.20 -1.32 -1.18
C CYS A 24 -6.53 -0.60 -1.32
N ARG A 25 -7.04 -0.50 -2.55
CA ARG A 25 -8.32 0.15 -2.78
C ARG A 25 -9.46 -0.69 -2.23
N THR A 26 -9.20 -1.98 -2.03
CA THR A 26 -10.17 -2.87 -1.44
C THR A 26 -10.21 -2.64 0.08
N GLU A 27 -9.06 -2.29 0.65
CA GLU A 27 -8.94 -1.95 2.06
C GLU A 27 -9.55 -0.59 2.32
N GLY A 28 -9.40 0.30 1.37
CA GLY A 28 -9.95 1.64 1.51
C GLY A 28 -8.93 2.72 1.20
N PHE A 29 -7.78 2.31 0.69
CA PHE A 29 -6.73 3.25 0.34
C PHE A 29 -6.84 3.64 -1.14
N PRO A 30 -7.20 4.90 -1.43
CA PRO A 30 -7.39 5.37 -2.82
C PRO A 30 -6.11 5.37 -3.63
N THR A 31 -5.00 5.54 -2.97
CA THR A 31 -3.73 5.64 -3.64
C THR A 31 -2.72 4.67 -3.04
N GLY A 32 -2.07 3.90 -3.89
CA GLY A 32 -1.07 2.95 -3.45
C GLY A 32 0.26 3.21 -4.09
N SER A 33 1.34 2.91 -3.40
CA SER A 33 2.66 3.16 -3.92
C SER A 33 3.71 2.22 -3.32
N CYS A 34 4.65 1.79 -4.15
CA CYS A 34 5.72 0.94 -3.68
C CYS A 34 6.74 1.82 -2.95
N ASP A 35 7.12 1.43 -1.75
CA ASP A 35 8.01 2.25 -0.95
C ASP A 35 9.42 1.65 -0.91
N PHE A 36 10.26 2.18 -0.04
CA PHE A 36 11.62 1.71 0.08
C PHE A 36 11.69 0.58 1.09
N HIS A 37 12.40 -0.46 0.73
CA HIS A 37 12.54 -1.64 1.57
C HIS A 37 13.20 -1.32 2.92
N ILE A 38 12.50 -1.65 3.99
CA ILE A 38 13.03 -1.48 5.34
C ILE A 38 13.53 -2.82 5.84
N THR A 39 12.61 -3.76 6.00
CA THR A 39 12.95 -5.12 6.34
C THR A 39 12.88 -5.96 5.05
N SER A 40 11.90 -5.63 4.25
CA SER A 40 11.70 -6.23 2.96
C SER A 40 11.02 -5.22 2.06
N ARG A 41 10.97 -5.48 0.77
CA ARG A 41 10.32 -4.55 -0.14
C ARG A 41 8.82 -4.65 -0.01
N LYS A 42 8.23 -3.69 0.65
CA LYS A 42 6.79 -3.71 0.89
C LYS A 42 6.11 -2.56 0.19
N CYS A 43 4.79 -2.60 0.17
CA CYS A 43 4.02 -1.56 -0.46
C CYS A 43 3.30 -0.75 0.61
N TYR A 44 3.23 0.55 0.40
CA TYR A 44 2.59 1.44 1.34
C TYR A 44 1.61 2.34 0.63
N CYS A 45 0.39 2.32 1.09
CA CYS A 45 -0.65 3.08 0.46
C CYS A 45 -1.11 4.22 1.36
N TYR A 46 -1.97 5.07 0.84
CA TYR A 46 -2.44 6.21 1.59
C TYR A 46 -3.90 6.05 1.96
N LYS A 47 -4.19 6.32 3.22
CA LYS A 47 -5.54 6.18 3.74
C LYS A 47 -6.13 7.55 4.03
N PRO A 48 -7.41 7.76 3.70
CA PRO A 48 -8.11 8.99 4.00
C PRO A 48 -8.29 9.17 5.50
N CYS A 49 -8.13 10.39 5.97
CA CYS A 49 -8.28 10.69 7.38
C CYS A 49 -8.97 12.04 7.54
N PRO A 50 -9.62 12.29 8.69
CA PRO A 50 -10.28 13.56 8.98
C PRO A 50 -9.32 14.74 8.89
N ARG A 1 -7.46 14.67 7.77
CA ARG A 1 -6.02 14.39 7.85
C ARG A 1 -5.61 13.41 6.78
N MET A 2 -4.45 13.63 6.21
CA MET A 2 -3.93 12.74 5.19
C MET A 2 -3.08 11.66 5.87
N CYS A 3 -3.51 10.43 5.77
CA CYS A 3 -2.79 9.34 6.42
C CYS A 3 -2.18 8.40 5.40
N LYS A 4 -1.07 7.80 5.80
CA LYS A 4 -0.42 6.80 5.01
C LYS A 4 -0.41 5.50 5.78
N THR A 5 -0.92 4.46 5.18
CA THR A 5 -0.99 3.19 5.83
C THR A 5 -0.47 2.09 4.92
N PRO A 6 0.51 1.31 5.39
CA PRO A 6 1.02 0.17 4.64
C PRO A 6 -0.08 -0.84 4.39
N SER A 7 -0.06 -1.46 3.22
CA SER A 7 -1.07 -2.44 2.84
C SER A 7 -1.21 -3.50 3.94
N ALA A 8 -2.44 -3.73 4.38
CA ALA A 8 -2.68 -4.65 5.48
C ALA A 8 -2.67 -6.09 5.04
N LYS A 9 -3.40 -6.40 3.99
CA LYS A 9 -3.49 -7.77 3.50
C LYS A 9 -2.45 -8.06 2.43
N PHE A 10 -1.66 -7.06 2.09
CA PHE A 10 -0.63 -7.22 1.08
C PHE A 10 0.74 -6.95 1.68
N LYS A 11 1.47 -8.02 1.98
CA LYS A 11 2.80 -7.92 2.55
C LYS A 11 3.70 -8.98 1.95
N GLY A 12 4.97 -8.94 2.29
CA GLY A 12 5.91 -9.91 1.76
C GLY A 12 6.68 -9.36 0.60
N TYR A 13 6.26 -9.70 -0.60
CA TYR A 13 6.91 -9.21 -1.79
C TYR A 13 6.01 -8.26 -2.56
N CYS A 14 6.40 -7.01 -2.59
CA CYS A 14 5.70 -6.03 -3.40
C CYS A 14 6.15 -6.18 -4.84
N VAL A 15 5.58 -7.16 -5.53
CA VAL A 15 5.93 -7.47 -6.90
C VAL A 15 5.91 -6.24 -7.79
N SER A 16 4.76 -5.58 -7.86
CA SER A 16 4.63 -4.40 -8.67
C SER A 16 3.79 -3.36 -7.95
N SER A 17 3.90 -2.14 -8.41
CA SER A 17 3.15 -1.06 -7.82
C SER A 17 1.67 -1.20 -8.13
N THR A 18 1.36 -1.58 -9.37
CA THR A 18 -0.02 -1.74 -9.79
C THR A 18 -0.70 -2.86 -8.99
N ASN A 19 0.03 -3.94 -8.73
CA ASN A 19 -0.50 -5.07 -7.96
C ASN A 19 -0.97 -4.59 -6.59
N CYS A 20 -0.15 -3.77 -5.94
CA CYS A 20 -0.51 -3.21 -4.66
C CYS A 20 -1.76 -2.36 -4.77
N LYS A 21 -1.79 -1.50 -5.78
CA LYS A 21 -2.92 -0.61 -6.01
C LYS A 21 -4.20 -1.40 -6.16
N ASN A 22 -4.15 -2.49 -6.90
CA ASN A 22 -5.32 -3.35 -7.13
C ASN A 22 -5.87 -3.84 -5.80
N VAL A 23 -4.98 -4.23 -4.90
CA VAL A 23 -5.37 -4.71 -3.59
C VAL A 23 -5.86 -3.56 -2.72
N CYS A 24 -5.08 -2.49 -2.64
CA CYS A 24 -5.41 -1.34 -1.81
C CYS A 24 -6.73 -0.68 -2.22
N ARG A 25 -6.98 -0.57 -3.52
CA ARG A 25 -8.24 0.03 -4.00
C ARG A 25 -9.44 -0.78 -3.53
N THR A 26 -9.21 -2.07 -3.35
CA THR A 26 -10.24 -2.97 -2.88
C THR A 26 -10.25 -3.02 -1.36
N GLU A 27 -9.08 -2.80 -0.75
CA GLU A 27 -8.92 -2.84 0.70
C GLU A 27 -9.49 -1.57 1.35
N GLY A 28 -9.53 -0.48 0.60
CA GLY A 28 -10.11 0.74 1.13
C GLY A 28 -9.19 1.95 1.00
N PHE A 29 -8.19 1.85 0.15
CA PHE A 29 -7.24 2.94 -0.05
C PHE A 29 -7.32 3.46 -1.49
N PRO A 30 -7.58 4.75 -1.67
CA PRO A 30 -7.70 5.37 -3.01
C PRO A 30 -6.40 5.40 -3.78
N THR A 31 -5.30 5.52 -3.08
CA THR A 31 -4.00 5.64 -3.72
C THR A 31 -2.99 4.70 -3.05
N GLY A 32 -2.10 4.10 -3.85
CA GLY A 32 -1.10 3.20 -3.32
C GLY A 32 0.27 3.47 -3.92
N SER A 33 1.32 3.22 -3.13
CA SER A 33 2.69 3.43 -3.58
C SER A 33 3.65 2.42 -2.93
N CYS A 34 4.35 1.67 -3.75
CA CYS A 34 5.28 0.64 -3.27
C CYS A 34 6.56 1.29 -2.71
N ASP A 35 7.29 0.57 -1.86
CA ASP A 35 8.50 1.11 -1.24
C ASP A 35 9.75 0.40 -1.74
N PHE A 36 10.88 0.71 -1.11
CA PHE A 36 12.12 0.05 -1.40
C PHE A 36 12.37 -0.97 -0.30
N HIS A 37 12.84 -2.15 -0.68
CA HIS A 37 13.04 -3.24 0.28
C HIS A 37 14.01 -2.87 1.41
N ILE A 38 13.49 -2.78 2.61
CA ILE A 38 14.30 -2.58 3.80
C ILE A 38 14.62 -3.95 4.35
N THR A 39 13.63 -4.54 4.96
CA THR A 39 13.69 -5.92 5.37
C THR A 39 12.97 -6.74 4.34
N SER A 40 11.87 -6.17 3.86
CA SER A 40 11.07 -6.72 2.80
C SER A 40 10.48 -5.57 2.00
N ARG A 41 10.08 -5.82 0.76
CA ARG A 41 9.49 -4.77 -0.05
C ARG A 41 8.00 -4.71 0.23
N LYS A 42 7.54 -3.58 0.71
CA LYS A 42 6.16 -3.41 1.11
C LYS A 42 5.52 -2.31 0.29
N CYS A 43 4.28 -2.03 0.59
CA CYS A 43 3.58 -0.98 -0.11
C CYS A 43 2.86 -0.08 0.88
N TYR A 44 2.89 1.21 0.61
CA TYR A 44 2.25 2.19 1.45
C TYR A 44 1.14 2.87 0.69
N CYS A 45 -0.05 2.73 1.17
CA CYS A 45 -1.17 3.32 0.53
C CYS A 45 -1.68 4.50 1.35
N TYR A 46 -2.52 5.31 0.76
CA TYR A 46 -2.99 6.51 1.43
C TYR A 46 -4.43 6.37 1.83
N LYS A 47 -4.75 6.94 2.97
CA LYS A 47 -6.08 6.83 3.55
C LYS A 47 -6.56 8.17 4.07
N PRO A 48 -7.78 8.58 3.69
CA PRO A 48 -8.39 9.81 4.20
C PRO A 48 -8.88 9.62 5.63
N CYS A 49 -8.41 10.45 6.52
CA CYS A 49 -8.81 10.38 7.92
C CYS A 49 -9.54 11.65 8.32
N PRO A 50 -10.49 11.55 9.25
CA PRO A 50 -11.21 12.71 9.76
C PRO A 50 -10.31 13.57 10.64
N ARG A 1 -7.20 15.36 5.48
CA ARG A 1 -5.97 14.70 5.94
C ARG A 1 -5.75 13.40 5.19
N MET A 2 -4.50 13.08 4.91
CA MET A 2 -4.17 11.82 4.28
C MET A 2 -3.48 10.92 5.29
N CYS A 3 -3.95 9.70 5.39
CA CYS A 3 -3.39 8.76 6.34
C CYS A 3 -2.67 7.65 5.63
N LYS A 4 -1.47 7.34 6.08
CA LYS A 4 -0.65 6.31 5.47
C LYS A 4 -0.76 5.03 6.26
N THR A 5 -1.41 4.06 5.69
CA THR A 5 -1.58 2.80 6.33
C THR A 5 -0.68 1.74 5.70
N PRO A 6 0.18 1.10 6.51
CA PRO A 6 1.03 0.01 6.03
C PRO A 6 0.19 -1.20 5.64
N SER A 7 0.24 -1.56 4.38
CA SER A 7 -0.54 -2.65 3.87
C SER A 7 -0.09 -3.98 4.45
N ALA A 8 -0.86 -4.50 5.39
CA ALA A 8 -0.54 -5.75 6.05
C ALA A 8 -1.14 -6.92 5.28
N LYS A 9 -2.19 -6.65 4.52
CA LYS A 9 -2.84 -7.69 3.72
C LYS A 9 -2.06 -7.95 2.43
N PHE A 10 -1.05 -7.15 2.19
CA PHE A 10 -0.20 -7.31 1.02
C PHE A 10 1.26 -7.40 1.45
N LYS A 11 1.77 -8.60 1.50
CA LYS A 11 3.15 -8.83 1.92
C LYS A 11 3.86 -9.75 0.94
N GLY A 12 5.17 -9.68 0.92
CA GLY A 12 5.94 -10.54 0.05
C GLY A 12 6.68 -9.77 -1.02
N TYR A 13 6.19 -9.85 -2.24
CA TYR A 13 6.83 -9.20 -3.37
C TYR A 13 6.00 -8.05 -3.91
N CYS A 14 6.58 -6.88 -3.94
CA CYS A 14 5.93 -5.71 -4.50
C CYS A 14 6.63 -5.33 -5.80
N VAL A 15 6.47 -6.16 -6.82
CA VAL A 15 7.11 -5.94 -8.11
C VAL A 15 6.55 -4.68 -8.75
N SER A 16 5.24 -4.57 -8.76
CA SER A 16 4.58 -3.42 -9.32
C SER A 16 3.84 -2.67 -8.25
N SER A 17 3.85 -1.36 -8.34
CA SER A 17 3.16 -0.54 -7.42
C SER A 17 1.66 -0.66 -7.63
N THR A 18 1.29 -1.03 -8.85
CA THR A 18 -0.10 -1.20 -9.20
C THR A 18 -0.75 -2.27 -8.32
N ASN A 19 -0.05 -3.39 -8.14
CA ASN A 19 -0.56 -4.48 -7.29
C ASN A 19 -0.74 -3.99 -5.86
N CYS A 20 0.22 -3.19 -5.40
CA CYS A 20 0.16 -2.58 -4.08
C CYS A 20 -1.12 -1.74 -3.94
N LYS A 21 -1.41 -0.97 -4.97
CA LYS A 21 -2.59 -0.12 -4.99
C LYS A 21 -3.88 -0.95 -5.06
N ASN A 22 -3.86 -1.99 -5.90
CA ASN A 22 -5.04 -2.86 -6.10
C ASN A 22 -5.57 -3.40 -4.78
N VAL A 23 -4.68 -4.02 -4.01
CA VAL A 23 -5.07 -4.64 -2.75
C VAL A 23 -5.68 -3.62 -1.80
N CYS A 24 -5.08 -2.44 -1.76
CA CYS A 24 -5.55 -1.38 -0.88
C CYS A 24 -6.88 -0.81 -1.38
N ARG A 25 -7.04 -0.73 -2.70
CA ARG A 25 -8.27 -0.21 -3.28
C ARG A 25 -9.45 -1.15 -2.99
N THR A 26 -9.12 -2.41 -2.78
CA THR A 26 -10.13 -3.39 -2.42
C THR A 26 -10.63 -3.12 -0.99
N GLU A 27 -9.74 -2.56 -0.17
CA GLU A 27 -10.08 -2.24 1.20
C GLU A 27 -10.78 -0.89 1.28
N GLY A 28 -10.29 0.07 0.50
CA GLY A 28 -10.89 1.39 0.50
C GLY A 28 -9.89 2.51 0.29
N PHE A 29 -8.63 2.16 0.07
CA PHE A 29 -7.59 3.16 -0.14
C PHE A 29 -7.51 3.52 -1.61
N PRO A 30 -7.72 4.80 -1.95
CA PRO A 30 -7.69 5.26 -3.34
C PRO A 30 -6.29 5.19 -3.96
N THR A 31 -5.31 5.60 -3.19
CA THR A 31 -3.95 5.70 -3.68
C THR A 31 -3.00 4.82 -2.86
N GLY A 32 -2.07 4.17 -3.56
CA GLY A 32 -1.10 3.33 -2.92
C GLY A 32 0.31 3.62 -3.42
N SER A 33 1.30 3.20 -2.68
CA SER A 33 2.69 3.43 -3.05
C SER A 33 3.58 2.31 -2.55
N CYS A 34 4.49 1.85 -3.40
CA CYS A 34 5.39 0.77 -3.03
C CYS A 34 6.61 1.34 -2.30
N ASP A 35 7.14 0.57 -1.37
CA ASP A 35 8.27 1.03 -0.56
C ASP A 35 9.57 0.34 -1.01
N PHE A 36 10.66 0.64 -0.33
CA PHE A 36 11.95 0.05 -0.63
C PHE A 36 12.14 -1.21 0.23
N HIS A 37 12.76 -2.22 -0.35
CA HIS A 37 12.95 -3.49 0.33
C HIS A 37 13.96 -3.41 1.48
N ILE A 38 13.48 -3.68 2.68
CA ILE A 38 14.34 -3.78 3.86
C ILE A 38 14.46 -5.24 4.21
N THR A 39 13.41 -5.79 4.78
CA THR A 39 13.30 -7.20 5.02
C THR A 39 12.66 -7.83 3.78
N SER A 40 11.77 -7.06 3.21
CA SER A 40 11.09 -7.37 1.99
C SER A 40 10.60 -6.06 1.41
N ARG A 41 10.08 -6.07 0.20
CA ARG A 41 9.55 -4.85 -0.37
C ARG A 41 8.14 -4.65 0.15
N LYS A 42 7.87 -3.47 0.66
CA LYS A 42 6.58 -3.22 1.33
C LYS A 42 5.68 -2.32 0.51
N CYS A 43 4.49 -2.09 1.05
CA CYS A 43 3.47 -1.30 0.39
C CYS A 43 2.78 -0.39 1.41
N TYR A 44 2.63 0.88 1.06
CA TYR A 44 1.96 1.86 1.92
C TYR A 44 0.85 2.53 1.13
N CYS A 45 -0.33 2.54 1.67
CA CYS A 45 -1.45 3.15 0.97
C CYS A 45 -2.09 4.25 1.79
N TYR A 46 -2.80 5.15 1.11
CA TYR A 46 -3.38 6.31 1.75
C TYR A 46 -4.89 6.22 1.86
N LYS A 47 -5.40 6.60 3.01
CA LYS A 47 -6.82 6.61 3.27
C LYS A 47 -7.28 8.04 3.54
N PRO A 48 -8.42 8.46 2.97
CA PRO A 48 -8.97 9.80 3.21
C PRO A 48 -9.42 9.97 4.66
N CYS A 49 -8.88 10.97 5.32
CA CYS A 49 -9.23 11.26 6.69
C CYS A 49 -9.65 12.72 6.82
N PRO A 50 -10.58 13.03 7.75
CA PRO A 50 -11.04 14.40 7.99
C PRO A 50 -9.89 15.34 8.34
N ARG A 1 -5.98 14.81 8.02
CA ARG A 1 -5.23 15.07 6.78
C ARG A 1 -5.15 13.82 5.90
N MET A 2 -4.28 12.88 6.25
CA MET A 2 -4.08 11.70 5.42
C MET A 2 -3.90 10.45 6.27
N CYS A 3 -4.22 9.32 5.68
CA CYS A 3 -4.12 8.03 6.35
C CYS A 3 -3.01 7.22 5.71
N LYS A 4 -2.06 6.80 6.53
CA LYS A 4 -0.95 6.00 6.06
C LYS A 4 -1.05 4.60 6.61
N THR A 5 -1.38 3.66 5.77
CA THR A 5 -1.54 2.30 6.20
C THR A 5 -0.80 1.34 5.26
N PRO A 6 0.12 0.52 5.82
CA PRO A 6 0.83 -0.49 5.04
C PRO A 6 -0.12 -1.58 4.57
N SER A 7 0.10 -2.08 3.38
CA SER A 7 -0.74 -3.12 2.84
C SER A 7 -0.60 -4.40 3.66
N ALA A 8 -1.64 -4.72 4.43
CA ALA A 8 -1.62 -5.88 5.29
C ALA A 8 -1.81 -7.16 4.50
N LYS A 9 -2.64 -7.09 3.47
CA LYS A 9 -2.92 -8.25 2.64
C LYS A 9 -2.02 -8.30 1.41
N PHE A 10 -0.92 -7.55 1.45
CA PHE A 10 0.05 -7.53 0.37
C PHE A 10 1.44 -7.32 0.96
N LYS A 11 2.19 -8.40 1.07
CA LYS A 11 3.52 -8.35 1.69
C LYS A 11 4.48 -9.29 0.98
N GLY A 12 5.77 -9.07 1.21
CA GLY A 12 6.77 -9.95 0.65
C GLY A 12 7.16 -9.60 -0.76
N TYR A 13 6.26 -9.85 -1.68
CA TYR A 13 6.54 -9.61 -3.08
C TYR A 13 5.82 -8.37 -3.59
N CYS A 14 6.60 -7.37 -3.93
CA CYS A 14 6.05 -6.14 -4.46
C CYS A 14 6.51 -5.98 -5.90
N VAL A 15 5.86 -6.69 -6.80
CA VAL A 15 6.22 -6.64 -8.21
C VAL A 15 5.73 -5.35 -8.83
N SER A 16 4.50 -4.99 -8.54
CA SER A 16 3.93 -3.76 -9.04
C SER A 16 3.06 -3.11 -8.01
N SER A 17 3.14 -1.80 -7.92
CA SER A 17 2.32 -1.06 -7.01
C SER A 17 0.88 -1.10 -7.48
N THR A 18 0.70 -1.32 -8.78
CA THR A 18 -0.61 -1.40 -9.38
C THR A 18 -1.43 -2.49 -8.69
N ASN A 19 -0.82 -3.66 -8.53
CA ASN A 19 -1.49 -4.78 -7.88
C ASN A 19 -1.75 -4.46 -6.41
N CYS A 20 -0.79 -3.80 -5.78
CA CYS A 20 -0.93 -3.37 -4.39
C CYS A 20 -2.16 -2.49 -4.24
N LYS A 21 -2.29 -1.53 -5.15
CA LYS A 21 -3.41 -0.62 -5.15
C LYS A 21 -4.72 -1.39 -5.29
N ASN A 22 -4.73 -2.40 -6.15
CA ASN A 22 -5.94 -3.22 -6.36
C ASN A 22 -6.43 -3.81 -5.05
N VAL A 23 -5.49 -4.29 -4.24
CA VAL A 23 -5.83 -4.84 -2.93
C VAL A 23 -6.32 -3.74 -1.99
N CYS A 24 -5.59 -2.64 -1.96
CA CYS A 24 -5.92 -1.52 -1.10
C CYS A 24 -7.23 -0.83 -1.51
N ARG A 25 -7.58 -0.92 -2.79
CA ARG A 25 -8.83 -0.35 -3.28
C ARG A 25 -10.02 -1.07 -2.67
N THR A 26 -9.83 -2.33 -2.32
CA THR A 26 -10.86 -3.10 -1.65
C THR A 26 -11.03 -2.58 -0.23
N GLU A 27 -9.92 -2.09 0.33
CA GLU A 27 -9.92 -1.53 1.67
C GLU A 27 -10.48 -0.10 1.67
N GLY A 28 -10.41 0.54 0.52
CA GLY A 28 -10.90 1.89 0.40
C GLY A 28 -9.78 2.90 0.22
N PHE A 29 -8.57 2.39 0.03
CA PHE A 29 -7.41 3.23 -0.17
C PHE A 29 -7.09 3.36 -1.66
N PRO A 30 -7.35 4.54 -2.24
CA PRO A 30 -7.15 4.80 -3.68
C PRO A 30 -5.68 4.95 -4.05
N THR A 31 -4.93 5.46 -3.13
CA THR A 31 -3.56 5.77 -3.35
C THR A 31 -2.65 4.68 -2.74
N GLY A 32 -1.63 4.29 -3.49
CA GLY A 32 -0.72 3.26 -3.01
C GLY A 32 0.63 3.34 -3.70
N SER A 33 1.69 3.01 -2.97
CA SER A 33 3.03 3.05 -3.51
C SER A 33 3.94 2.07 -2.77
N CYS A 34 4.88 1.49 -3.49
CA CYS A 34 5.80 0.53 -2.90
C CYS A 34 6.93 1.29 -2.17
N ASP A 35 7.50 0.69 -1.13
CA ASP A 35 8.53 1.37 -0.34
C ASP A 35 9.92 0.88 -0.69
N PHE A 36 10.88 1.30 0.11
CA PHE A 36 12.26 0.92 -0.10
C PHE A 36 12.59 -0.33 0.71
N HIS A 37 13.17 -1.30 0.05
CA HIS A 37 13.50 -2.56 0.67
C HIS A 37 14.54 -2.40 1.78
N ILE A 38 14.09 -2.55 3.01
CA ILE A 38 14.97 -2.51 4.17
C ILE A 38 15.27 -3.93 4.59
N THR A 39 14.31 -4.54 5.25
CA THR A 39 14.40 -5.93 5.62
C THR A 39 13.54 -6.74 4.65
N SER A 40 12.64 -6.02 4.03
CA SER A 40 11.73 -6.57 3.04
C SER A 40 11.23 -5.41 2.18
N ARG A 41 10.41 -5.72 1.20
CA ARG A 41 9.83 -4.68 0.37
C ARG A 41 8.32 -4.66 0.60
N LYS A 42 7.82 -3.52 1.06
CA LYS A 42 6.41 -3.43 1.42
C LYS A 42 5.72 -2.38 0.58
N CYS A 43 4.44 -2.19 0.84
CA CYS A 43 3.67 -1.21 0.13
C CYS A 43 2.87 -0.35 1.10
N TYR A 44 2.82 0.95 0.84
CA TYR A 44 2.08 1.87 1.68
C TYR A 44 0.93 2.46 0.92
N CYS A 45 -0.26 2.29 1.45
CA CYS A 45 -1.45 2.81 0.84
C CYS A 45 -1.97 4.00 1.62
N TYR A 46 -2.50 4.98 0.92
CA TYR A 46 -2.94 6.21 1.53
C TYR A 46 -4.40 6.49 1.21
N LYS A 47 -5.05 7.21 2.11
CA LYS A 47 -6.43 7.59 1.98
C LYS A 47 -6.63 8.91 2.71
N PRO A 48 -7.58 9.76 2.29
CA PRO A 48 -7.87 11.00 3.00
C PRO A 48 -8.39 10.74 4.43
N CYS A 49 -7.84 11.45 5.40
CA CYS A 49 -8.25 11.31 6.80
C CYS A 49 -8.90 12.61 7.28
N PRO A 50 -10.14 12.53 7.78
CA PRO A 50 -10.83 13.70 8.34
C PRO A 50 -10.16 14.17 9.63
N ARG A 1 -4.40 15.09 5.92
CA ARG A 1 -5.39 14.50 5.03
C ARG A 1 -4.96 13.12 4.54
N MET A 2 -3.67 12.91 4.44
CA MET A 2 -3.16 11.63 3.97
C MET A 2 -2.59 10.82 5.13
N CYS A 3 -3.10 9.62 5.31
CA CYS A 3 -2.58 8.72 6.33
C CYS A 3 -1.93 7.52 5.67
N LYS A 4 -0.88 7.03 6.29
CA LYS A 4 -0.13 5.91 5.74
C LYS A 4 -0.54 4.62 6.41
N THR A 5 -1.05 3.71 5.64
CA THR A 5 -1.45 2.42 6.15
C THR A 5 -0.83 1.31 5.29
N PRO A 6 0.15 0.57 5.85
CA PRO A 6 0.80 -0.54 5.15
C PRO A 6 -0.19 -1.65 4.82
N SER A 7 -0.13 -2.10 3.59
CA SER A 7 -0.99 -3.15 3.12
C SER A 7 -0.64 -4.48 3.80
N ALA A 8 -1.44 -4.89 4.77
CA ALA A 8 -1.21 -6.13 5.48
C ALA A 8 -1.42 -7.32 4.56
N LYS A 9 -2.29 -7.13 3.57
CA LYS A 9 -2.62 -8.18 2.62
C LYS A 9 -1.67 -8.18 1.41
N PHE A 10 -0.64 -7.35 1.47
CA PHE A 10 0.33 -7.28 0.38
C PHE A 10 1.71 -6.91 0.93
N LYS A 11 2.56 -7.92 1.10
CA LYS A 11 3.90 -7.73 1.63
C LYS A 11 4.86 -8.75 1.05
N GLY A 12 6.13 -8.60 1.34
CA GLY A 12 7.12 -9.53 0.87
C GLY A 12 7.63 -9.16 -0.50
N TYR A 13 6.86 -9.49 -1.51
CA TYR A 13 7.24 -9.20 -2.86
C TYR A 13 6.31 -8.16 -3.46
N CYS A 14 6.85 -6.99 -3.73
CA CYS A 14 6.10 -5.90 -4.31
C CYS A 14 6.71 -5.52 -5.66
N VAL A 15 6.38 -6.28 -6.70
CA VAL A 15 6.92 -6.02 -8.02
C VAL A 15 6.43 -4.68 -8.56
N SER A 16 5.24 -4.26 -8.14
CA SER A 16 4.68 -3.01 -8.57
C SER A 16 3.59 -2.56 -7.62
N SER A 17 3.42 -1.26 -7.53
CA SER A 17 2.37 -0.72 -6.71
C SER A 17 1.05 -0.83 -7.44
N THR A 18 1.13 -1.01 -8.75
CA THR A 18 -0.03 -1.13 -9.60
C THR A 18 -0.95 -2.25 -9.11
N ASN A 19 -0.39 -3.42 -8.86
CA ASN A 19 -1.15 -4.55 -8.38
C ASN A 19 -1.65 -4.29 -6.96
N CYS A 20 -0.81 -3.65 -6.15
CA CYS A 20 -1.17 -3.32 -4.78
C CYS A 20 -2.39 -2.39 -4.73
N LYS A 21 -2.45 -1.46 -5.68
CA LYS A 21 -3.56 -0.53 -5.77
C LYS A 21 -4.88 -1.27 -5.93
N ASN A 22 -4.85 -2.36 -6.70
CA ASN A 22 -6.06 -3.16 -6.91
C ASN A 22 -6.56 -3.70 -5.59
N VAL A 23 -5.64 -4.28 -4.83
CA VAL A 23 -5.94 -4.83 -3.52
C VAL A 23 -6.45 -3.73 -2.57
N CYS A 24 -5.67 -2.67 -2.46
CA CYS A 24 -6.00 -1.56 -1.57
C CYS A 24 -7.32 -0.87 -1.91
N ARG A 25 -7.59 -0.69 -3.19
CA ARG A 25 -8.84 -0.03 -3.60
C ARG A 25 -10.04 -0.91 -3.29
N THR A 26 -9.82 -2.22 -3.26
CA THR A 26 -10.89 -3.15 -2.91
C THR A 26 -11.01 -3.25 -1.38
N GLU A 27 -9.93 -2.88 -0.70
CA GLU A 27 -9.88 -2.91 0.75
C GLU A 27 -10.49 -1.64 1.34
N GLY A 28 -10.20 -0.50 0.73
CA GLY A 28 -10.75 0.75 1.19
C GLY A 28 -9.73 1.87 1.21
N PHE A 29 -8.82 1.85 0.25
CA PHE A 29 -7.80 2.90 0.15
C PHE A 29 -7.78 3.43 -1.27
N PRO A 30 -7.88 4.75 -1.45
CA PRO A 30 -7.92 5.39 -2.77
C PRO A 30 -6.63 5.24 -3.57
N THR A 31 -5.51 5.31 -2.91
CA THR A 31 -4.23 5.25 -3.59
C THR A 31 -3.21 4.42 -2.79
N GLY A 32 -2.32 3.73 -3.50
CA GLY A 32 -1.30 2.93 -2.87
C GLY A 32 0.06 3.15 -3.49
N SER A 33 1.12 2.93 -2.72
CA SER A 33 2.47 3.13 -3.21
C SER A 33 3.42 2.06 -2.65
N CYS A 34 4.34 1.60 -3.46
CA CYS A 34 5.31 0.60 -3.03
C CYS A 34 6.49 1.29 -2.36
N ASP A 35 7.15 0.62 -1.42
CA ASP A 35 8.26 1.24 -0.69
C ASP A 35 9.58 0.56 -1.00
N PHE A 36 10.64 1.03 -0.34
CA PHE A 36 11.93 0.42 -0.44
C PHE A 36 12.11 -0.47 0.77
N HIS A 37 12.41 -1.73 0.53
CA HIS A 37 12.46 -2.73 1.59
C HIS A 37 13.45 -2.38 2.71
N ILE A 38 12.92 -2.23 3.92
CA ILE A 38 13.74 -2.06 5.10
C ILE A 38 14.32 -3.42 5.42
N THR A 39 13.50 -4.40 5.17
CA THR A 39 13.84 -5.80 5.26
C THR A 39 13.10 -6.51 4.14
N SER A 40 11.79 -6.48 4.22
CA SER A 40 10.93 -7.02 3.20
C SER A 40 10.16 -5.87 2.56
N ARG A 41 10.00 -5.92 1.25
CA ARG A 41 9.31 -4.84 0.56
C ARG A 41 7.82 -4.83 0.92
N LYS A 42 7.29 -3.66 1.18
CA LYS A 42 5.92 -3.50 1.60
C LYS A 42 5.19 -2.54 0.68
N CYS A 43 3.94 -2.30 0.98
CA CYS A 43 3.16 -1.36 0.22
C CYS A 43 2.46 -0.41 1.17
N TYR A 44 2.61 0.87 0.94
CA TYR A 44 1.98 1.88 1.77
C TYR A 44 0.81 2.48 1.05
N CYS A 45 -0.37 2.19 1.52
CA CYS A 45 -1.55 2.76 0.94
C CYS A 45 -2.03 3.92 1.78
N TYR A 46 -2.82 4.80 1.20
CA TYR A 46 -3.21 6.01 1.88
C TYR A 46 -4.65 5.98 2.31
N LYS A 47 -4.88 6.47 3.50
CA LYS A 47 -6.21 6.55 4.07
C LYS A 47 -6.59 8.02 4.23
N PRO A 48 -7.78 8.41 3.76
CA PRO A 48 -8.25 9.79 3.87
C PRO A 48 -8.52 10.20 5.32
N CYS A 49 -7.85 11.23 5.76
CA CYS A 49 -7.98 11.73 7.12
C CYS A 49 -8.10 13.25 7.10
N PRO A 50 -8.48 13.88 8.24
CA PRO A 50 -8.54 15.34 8.34
C PRO A 50 -7.19 16.00 8.07
N ARG A 1 -7.27 15.03 6.13
CA ARG A 1 -5.94 14.59 6.55
C ARG A 1 -5.54 13.36 5.78
N MET A 2 -4.28 13.28 5.43
CA MET A 2 -3.78 12.13 4.71
C MET A 2 -3.09 11.16 5.66
N CYS A 3 -3.44 9.89 5.55
CA CYS A 3 -2.82 8.88 6.39
C CYS A 3 -1.99 7.94 5.56
N LYS A 4 -0.81 7.64 6.04
CA LYS A 4 0.10 6.74 5.36
C LYS A 4 0.00 5.37 5.98
N THR A 5 -0.64 4.46 5.29
CA THR A 5 -0.82 3.14 5.82
C THR A 5 -0.21 2.09 4.91
N PRO A 6 0.73 1.29 5.44
CA PRO A 6 1.34 0.21 4.68
C PRO A 6 0.32 -0.87 4.36
N SER A 7 0.38 -1.40 3.15
CA SER A 7 -0.54 -2.44 2.72
C SER A 7 -0.46 -3.64 3.67
N ALA A 8 -1.48 -3.79 4.52
CA ALA A 8 -1.52 -4.83 5.52
C ALA A 8 -1.43 -6.23 4.91
N LYS A 9 -2.42 -6.58 4.10
CA LYS A 9 -2.48 -7.90 3.49
C LYS A 9 -1.62 -8.00 2.24
N PHE A 10 -0.46 -7.34 2.26
CA PHE A 10 0.43 -7.37 1.12
C PHE A 10 1.89 -7.43 1.55
N LYS A 11 2.53 -8.53 1.20
CA LYS A 11 3.94 -8.76 1.49
C LYS A 11 4.52 -9.66 0.41
N GLY A 12 5.84 -9.77 0.38
CA GLY A 12 6.46 -10.64 -0.58
C GLY A 12 7.13 -9.88 -1.69
N TYR A 13 6.64 -10.06 -2.90
CA TYR A 13 7.22 -9.43 -4.06
C TYR A 13 6.29 -8.39 -4.66
N CYS A 14 6.75 -7.16 -4.66
CA CYS A 14 6.00 -6.04 -5.21
C CYS A 14 6.28 -5.96 -6.71
N VAL A 15 5.60 -6.81 -7.47
CA VAL A 15 5.77 -6.87 -8.92
C VAL A 15 5.46 -5.52 -9.57
N SER A 16 4.30 -5.00 -9.30
CA SER A 16 3.89 -3.73 -9.86
C SER A 16 3.23 -2.87 -8.82
N SER A 17 3.13 -1.59 -9.09
CA SER A 17 2.45 -0.70 -8.20
C SER A 17 0.95 -0.89 -8.34
N THR A 18 0.53 -1.27 -9.55
CA THR A 18 -0.85 -1.52 -9.84
C THR A 18 -1.37 -2.66 -8.98
N ASN A 19 -0.54 -3.70 -8.82
CA ASN A 19 -0.90 -4.85 -8.00
C ASN A 19 -1.15 -4.42 -6.55
N CYS A 20 -0.36 -3.44 -6.10
CA CYS A 20 -0.54 -2.89 -4.77
C CYS A 20 -1.85 -2.13 -4.69
N LYS A 21 -2.15 -1.35 -5.71
CA LYS A 21 -3.39 -0.58 -5.76
C LYS A 21 -4.60 -1.50 -5.73
N ASN A 22 -4.48 -2.68 -6.34
CA ASN A 22 -5.58 -3.66 -6.36
C ASN A 22 -5.99 -4.03 -4.94
N VAL A 23 -5.02 -4.47 -4.15
CA VAL A 23 -5.29 -4.89 -2.77
C VAL A 23 -5.63 -3.68 -1.89
N CYS A 24 -5.00 -2.54 -2.16
CA CYS A 24 -5.25 -1.34 -1.38
C CYS A 24 -6.64 -0.79 -1.63
N ARG A 25 -7.10 -0.82 -2.87
CA ARG A 25 -8.45 -0.36 -3.19
C ARG A 25 -9.47 -1.25 -2.49
N THR A 26 -9.12 -2.50 -2.34
CA THR A 26 -9.96 -3.47 -1.66
C THR A 26 -9.88 -3.25 -0.13
N GLU A 27 -8.72 -2.79 0.32
CA GLU A 27 -8.48 -2.54 1.73
C GLU A 27 -9.18 -1.25 2.17
N GLY A 28 -9.23 -0.28 1.27
CA GLY A 28 -9.89 0.97 1.57
C GLY A 28 -8.99 2.18 1.32
N PHE A 29 -7.94 1.98 0.55
CA PHE A 29 -7.00 3.05 0.24
C PHE A 29 -7.07 3.40 -1.25
N PRO A 30 -7.42 4.66 -1.58
CA PRO A 30 -7.53 5.12 -2.97
C PRO A 30 -6.22 5.02 -3.75
N THR A 31 -5.19 5.66 -3.23
CA THR A 31 -3.92 5.71 -3.92
C THR A 31 -2.85 4.90 -3.16
N GLY A 32 -1.99 4.22 -3.90
CA GLY A 32 -0.95 3.43 -3.30
C GLY A 32 0.36 3.49 -4.08
N SER A 33 1.46 3.36 -3.37
CA SER A 33 2.77 3.41 -4.00
C SER A 33 3.74 2.42 -3.34
N CYS A 34 4.45 1.67 -4.16
CA CYS A 34 5.40 0.68 -3.66
C CYS A 34 6.59 1.38 -3.02
N ASP A 35 7.21 0.76 -2.02
CA ASP A 35 8.33 1.39 -1.33
C ASP A 35 9.50 0.41 -1.22
N PHE A 36 10.55 0.82 -0.54
CA PHE A 36 11.74 0.01 -0.36
C PHE A 36 11.61 -0.81 0.92
N HIS A 37 12.05 -2.06 0.86
CA HIS A 37 11.94 -2.99 1.98
C HIS A 37 12.72 -2.50 3.22
N ILE A 38 12.00 -2.33 4.32
CA ILE A 38 12.63 -1.98 5.59
C ILE A 38 12.68 -3.24 6.44
N THR A 39 11.53 -3.67 6.90
CA THR A 39 11.40 -4.91 7.63
C THR A 39 11.21 -6.04 6.62
N SER A 40 10.37 -5.75 5.63
CA SER A 40 10.07 -6.65 4.55
C SER A 40 9.62 -5.84 3.34
N ARG A 41 9.53 -6.47 2.19
CA ARG A 41 9.11 -5.78 0.98
C ARG A 41 7.61 -5.56 1.01
N LYS A 42 7.20 -4.32 1.18
CA LYS A 42 5.80 -3.98 1.28
C LYS A 42 5.48 -2.74 0.46
N CYS A 43 4.23 -2.35 0.49
CA CYS A 43 3.76 -1.20 -0.23
C CYS A 43 3.10 -0.22 0.75
N TYR A 44 3.04 1.04 0.39
CA TYR A 44 2.45 2.06 1.25
C TYR A 44 1.35 2.80 0.53
N CYS A 45 0.16 2.73 1.07
CA CYS A 45 -0.97 3.38 0.48
C CYS A 45 -1.49 4.49 1.38
N TYR A 46 -2.30 5.37 0.84
CA TYR A 46 -2.79 6.51 1.59
C TYR A 46 -4.28 6.41 1.87
N LYS A 47 -4.65 6.75 3.08
CA LYS A 47 -6.02 6.69 3.54
C LYS A 47 -6.53 8.09 3.87
N PRO A 48 -7.71 8.46 3.36
CA PRO A 48 -8.31 9.74 3.66
C PRO A 48 -8.89 9.77 5.08
N CYS A 49 -8.33 10.61 5.91
CA CYS A 49 -8.75 10.72 7.30
C CYS A 49 -9.21 12.16 7.59
N PRO A 50 -9.88 12.39 8.74
CA PRO A 50 -10.32 13.74 9.14
C PRO A 50 -9.13 14.68 9.31
N ARG A 1 -7.23 14.86 5.92
CA ARG A 1 -5.85 14.44 6.17
C ARG A 1 -5.56 13.16 5.41
N MET A 2 -4.30 12.94 5.06
CA MET A 2 -3.91 11.72 4.39
C MET A 2 -2.84 11.00 5.19
N CYS A 3 -2.99 9.72 5.33
CA CYS A 3 -2.05 8.92 6.10
C CYS A 3 -1.49 7.80 5.22
N LYS A 4 -0.26 7.41 5.48
CA LYS A 4 0.36 6.33 4.72
C LYS A 4 0.28 5.05 5.52
N THR A 5 -0.31 4.03 4.95
CA THR A 5 -0.50 2.78 5.64
C THR A 5 0.03 1.61 4.81
N PRO A 6 0.86 0.73 5.42
CA PRO A 6 1.38 -0.44 4.74
C PRO A 6 0.28 -1.44 4.41
N SER A 7 0.38 -2.07 3.26
CA SER A 7 -0.60 -3.04 2.83
C SER A 7 -0.57 -4.29 3.72
N ALA A 8 -1.73 -4.73 4.15
CA ALA A 8 -1.83 -5.88 5.03
C ALA A 8 -2.16 -7.15 4.26
N LYS A 9 -2.79 -6.99 3.12
CA LYS A 9 -3.15 -8.14 2.29
C LYS A 9 -2.10 -8.38 1.22
N PHE A 10 -1.16 -7.45 1.14
CA PHE A 10 -0.07 -7.55 0.20
C PHE A 10 1.24 -7.47 0.98
N LYS A 11 1.86 -8.62 1.19
CA LYS A 11 3.05 -8.71 2.02
C LYS A 11 4.15 -9.49 1.33
N GLY A 12 5.34 -9.46 1.92
CA GLY A 12 6.45 -10.20 1.39
C GLY A 12 7.21 -9.45 0.33
N TYR A 13 6.83 -9.67 -0.91
CA TYR A 13 7.48 -9.02 -2.03
C TYR A 13 6.53 -8.07 -2.71
N CYS A 14 6.98 -6.86 -2.92
CA CYS A 14 6.22 -5.87 -3.64
C CYS A 14 6.31 -6.17 -5.14
N VAL A 15 5.53 -7.15 -5.58
CA VAL A 15 5.51 -7.58 -6.98
C VAL A 15 5.31 -6.41 -7.92
N SER A 16 4.26 -5.66 -7.69
CA SER A 16 3.98 -4.49 -8.48
C SER A 16 3.14 -3.52 -7.70
N SER A 17 3.34 -2.25 -7.97
CA SER A 17 2.59 -1.23 -7.30
C SER A 17 1.15 -1.22 -7.82
N THR A 18 0.99 -1.44 -9.11
CA THR A 18 -0.31 -1.43 -9.74
C THR A 18 -1.24 -2.51 -9.16
N ASN A 19 -0.68 -3.68 -8.87
CA ASN A 19 -1.47 -4.77 -8.28
C ASN A 19 -1.92 -4.38 -6.88
N CYS A 20 -0.97 -3.86 -6.11
CA CYS A 20 -1.22 -3.42 -4.75
C CYS A 20 -2.37 -2.42 -4.70
N LYS A 21 -2.44 -1.56 -5.72
CA LYS A 21 -3.49 -0.55 -5.80
C LYS A 21 -4.88 -1.19 -5.80
N ASN A 22 -5.06 -2.26 -6.57
CA ASN A 22 -6.36 -2.94 -6.64
C ASN A 22 -6.78 -3.43 -5.27
N VAL A 23 -5.85 -4.11 -4.60
CA VAL A 23 -6.10 -4.65 -3.28
C VAL A 23 -6.46 -3.53 -2.29
N CYS A 24 -5.61 -2.50 -2.25
CA CYS A 24 -5.80 -1.37 -1.35
C CYS A 24 -7.09 -0.60 -1.62
N ARG A 25 -7.41 -0.37 -2.90
CA ARG A 25 -8.61 0.38 -3.27
C ARG A 25 -9.87 -0.36 -2.83
N THR A 26 -9.81 -1.67 -2.82
CA THR A 26 -10.93 -2.49 -2.40
C THR A 26 -11.19 -2.29 -0.89
N GLU A 27 -10.12 -1.95 -0.16
CA GLU A 27 -10.22 -1.72 1.28
C GLU A 27 -10.69 -0.30 1.57
N GLY A 28 -10.38 0.61 0.67
CA GLY A 28 -10.78 1.99 0.86
C GLY A 28 -9.63 2.96 0.66
N PHE A 29 -8.47 2.44 0.31
CA PHE A 29 -7.29 3.28 0.08
C PHE A 29 -7.26 3.74 -1.37
N PRO A 30 -7.34 5.05 -1.62
CA PRO A 30 -7.38 5.62 -2.97
C PRO A 30 -6.09 5.37 -3.77
N THR A 31 -4.97 5.74 -3.19
CA THR A 31 -3.69 5.63 -3.85
C THR A 31 -2.82 4.55 -3.22
N GLY A 32 -2.17 3.77 -4.05
CA GLY A 32 -1.27 2.74 -3.59
C GLY A 32 0.09 2.87 -4.23
N SER A 33 1.13 2.80 -3.44
CA SER A 33 2.48 2.97 -3.98
C SER A 33 3.48 2.08 -3.26
N CYS A 34 4.50 1.65 -3.97
CA CYS A 34 5.51 0.82 -3.39
C CYS A 34 6.57 1.71 -2.72
N ASP A 35 7.06 1.29 -1.57
CA ASP A 35 8.02 2.10 -0.82
C ASP A 35 9.40 1.43 -0.83
N PHE A 36 10.30 1.92 0.00
CA PHE A 36 11.66 1.38 0.05
C PHE A 36 11.73 0.27 1.09
N HIS A 37 12.58 -0.72 0.82
CA HIS A 37 12.70 -1.89 1.68
C HIS A 37 13.66 -1.66 2.85
N ILE A 38 13.19 -1.91 4.04
CA ILE A 38 14.02 -1.85 5.24
C ILE A 38 14.39 -3.27 5.64
N THR A 39 13.37 -4.09 5.82
CA THR A 39 13.54 -5.49 6.10
C THR A 39 13.05 -6.29 4.90
N SER A 40 12.02 -5.76 4.25
CA SER A 40 11.43 -6.33 3.06
C SER A 40 10.75 -5.23 2.27
N ARG A 41 10.59 -5.42 0.96
CA ARG A 41 9.95 -4.42 0.14
C ARG A 41 8.45 -4.51 0.27
N LYS A 42 7.88 -3.55 0.97
CA LYS A 42 6.46 -3.55 1.22
C LYS A 42 5.77 -2.45 0.43
N CYS A 43 4.47 -2.55 0.35
CA CYS A 43 3.67 -1.57 -0.35
C CYS A 43 3.00 -0.67 0.68
N TYR A 44 2.88 0.60 0.36
CA TYR A 44 2.28 1.56 1.25
C TYR A 44 1.22 2.36 0.53
N CYS A 45 0.00 2.17 0.92
CA CYS A 45 -1.12 2.84 0.32
C CYS A 45 -1.56 4.00 1.22
N TYR A 46 -2.44 4.84 0.72
CA TYR A 46 -2.84 6.00 1.47
C TYR A 46 -4.25 5.89 1.99
N LYS A 47 -4.43 6.33 3.20
CA LYS A 47 -5.68 6.24 3.90
C LYS A 47 -6.31 7.62 4.07
N PRO A 48 -7.61 7.75 3.77
CA PRO A 48 -8.33 9.00 4.01
C PRO A 48 -8.53 9.21 5.50
N CYS A 49 -7.93 10.25 6.03
CA CYS A 49 -8.00 10.53 7.44
C CYS A 49 -8.68 11.87 7.68
N PRO A 50 -9.23 12.09 8.89
CA PRO A 50 -9.90 13.35 9.24
C PRO A 50 -8.94 14.55 9.16
N ARG A 1 -6.29 15.35 5.88
CA ARG A 1 -4.91 14.82 5.97
C ARG A 1 -4.84 13.46 5.30
N MET A 2 -3.66 13.08 4.86
CA MET A 2 -3.46 11.77 4.28
C MET A 2 -2.49 10.99 5.13
N CYS A 3 -2.82 9.76 5.44
CA CYS A 3 -1.98 8.93 6.27
C CYS A 3 -1.47 7.74 5.47
N LYS A 4 -0.34 7.21 5.88
CA LYS A 4 0.22 6.05 5.23
C LYS A 4 -0.11 4.82 6.04
N THR A 5 -0.52 3.78 5.37
CA THR A 5 -0.88 2.56 6.03
C THR A 5 -0.35 1.34 5.29
N PRO A 6 0.47 0.51 5.96
CA PRO A 6 0.98 -0.72 5.37
C PRO A 6 -0.15 -1.68 5.07
N SER A 7 -0.30 -2.03 3.80
CA SER A 7 -1.35 -2.91 3.33
C SER A 7 -1.38 -4.21 4.15
N ALA A 8 -2.53 -4.54 4.68
CA ALA A 8 -2.69 -5.74 5.48
C ALA A 8 -2.96 -6.93 4.59
N LYS A 9 -3.63 -6.68 3.48
CA LYS A 9 -3.97 -7.72 2.52
C LYS A 9 -2.82 -7.97 1.54
N PHE A 10 -1.80 -7.15 1.61
CA PHE A 10 -0.67 -7.28 0.71
C PHE A 10 0.65 -7.28 1.48
N LYS A 11 1.25 -8.45 1.60
CA LYS A 11 2.50 -8.60 2.31
C LYS A 11 3.45 -9.46 1.51
N GLY A 12 4.72 -9.13 1.53
CA GLY A 12 5.70 -9.90 0.80
C GLY A 12 6.53 -9.05 -0.12
N TYR A 13 6.35 -9.24 -1.42
CA TYR A 13 7.13 -8.53 -2.42
C TYR A 13 6.28 -7.56 -3.21
N CYS A 14 6.76 -6.32 -3.32
CA CYS A 14 6.11 -5.33 -4.15
C CYS A 14 6.54 -5.55 -5.61
N VAL A 15 5.98 -6.59 -6.21
CA VAL A 15 6.30 -6.98 -7.57
C VAL A 15 6.00 -5.86 -8.55
N SER A 16 4.78 -5.37 -8.51
CA SER A 16 4.37 -4.30 -9.37
C SER A 16 3.50 -3.32 -8.62
N SER A 17 3.51 -2.09 -9.08
CA SER A 17 2.72 -1.08 -8.44
C SER A 17 1.24 -1.28 -8.74
N THR A 18 0.94 -1.87 -9.90
CA THR A 18 -0.43 -2.12 -10.30
C THR A 18 -1.10 -3.10 -9.34
N ASN A 19 -0.39 -4.17 -8.98
CA ASN A 19 -0.92 -5.17 -8.06
C ASN A 19 -1.29 -4.52 -6.74
N CYS A 20 -0.46 -3.58 -6.30
CA CYS A 20 -0.70 -2.85 -5.08
C CYS A 20 -1.98 -2.04 -5.16
N LYS A 21 -2.16 -1.33 -6.27
CA LYS A 21 -3.34 -0.50 -6.47
C LYS A 21 -4.61 -1.34 -6.45
N ASN A 22 -4.50 -2.59 -6.89
CA ASN A 22 -5.63 -3.51 -6.90
C ASN A 22 -6.00 -3.91 -5.48
N VAL A 23 -5.03 -4.49 -4.79
CA VAL A 23 -5.25 -5.00 -3.44
C VAL A 23 -5.60 -3.88 -2.44
N CYS A 24 -4.97 -2.71 -2.59
CA CYS A 24 -5.26 -1.60 -1.72
C CYS A 24 -6.68 -1.08 -1.91
N ARG A 25 -7.17 -1.12 -3.14
CA ARG A 25 -8.54 -0.70 -3.42
C ARG A 25 -9.51 -1.76 -2.87
N THR A 26 -8.99 -2.96 -2.66
CA THR A 26 -9.78 -4.03 -2.10
C THR A 26 -9.83 -3.88 -0.57
N GLU A 27 -8.73 -3.38 0.02
CA GLU A 27 -8.66 -3.19 1.45
C GLU A 27 -9.38 -1.91 1.86
N GLY A 28 -9.21 -0.85 1.08
CA GLY A 28 -9.90 0.40 1.37
C GLY A 28 -9.01 1.61 1.29
N PHE A 29 -8.15 1.66 0.29
CA PHE A 29 -7.26 2.80 0.10
C PHE A 29 -7.46 3.43 -1.27
N PRO A 30 -7.57 4.75 -1.34
CA PRO A 30 -7.75 5.48 -2.60
C PRO A 30 -6.46 5.57 -3.41
N THR A 31 -5.33 5.64 -2.71
CA THR A 31 -4.06 5.82 -3.36
C THR A 31 -3.03 4.82 -2.84
N GLY A 32 -2.26 4.23 -3.73
CA GLY A 32 -1.24 3.29 -3.36
C GLY A 32 0.13 3.69 -3.88
N SER A 33 1.18 3.30 -3.18
CA SER A 33 2.54 3.65 -3.59
C SER A 33 3.57 2.64 -3.07
N CYS A 34 4.36 2.09 -3.98
CA CYS A 34 5.41 1.17 -3.60
C CYS A 34 6.49 1.95 -2.85
N ASP A 35 6.74 1.57 -1.62
CA ASP A 35 7.65 2.32 -0.76
C ASP A 35 9.01 1.63 -0.66
N PHE A 36 9.83 2.08 0.26
CA PHE A 36 11.15 1.53 0.47
C PHE A 36 11.09 0.41 1.49
N HIS A 37 11.89 -0.63 1.27
CA HIS A 37 11.87 -1.80 2.12
C HIS A 37 12.46 -1.53 3.51
N ILE A 38 11.67 -1.81 4.52
CA ILE A 38 12.13 -1.75 5.89
C ILE A 38 12.87 -3.04 6.18
N THR A 39 12.14 -4.13 6.07
CA THR A 39 12.71 -5.45 6.17
C THR A 39 12.39 -6.21 4.87
N SER A 40 11.24 -5.87 4.30
CA SER A 40 10.79 -6.45 3.05
C SER A 40 10.24 -5.35 2.16
N ARG A 41 10.39 -5.49 0.85
CA ARG A 41 9.88 -4.50 -0.09
C ARG A 41 8.40 -4.69 -0.29
N LYS A 42 7.62 -3.83 0.32
CA LYS A 42 6.18 -3.92 0.25
C LYS A 42 5.61 -2.61 -0.23
N CYS A 43 4.31 -2.57 -0.38
CA CYS A 43 3.65 -1.38 -0.83
C CYS A 43 2.97 -0.70 0.34
N TYR A 44 3.03 0.62 0.38
CA TYR A 44 2.42 1.39 1.43
C TYR A 44 1.42 2.35 0.82
N CYS A 45 0.17 2.17 1.15
CA CYS A 45 -0.88 2.96 0.57
C CYS A 45 -1.32 4.08 1.50
N TYR A 46 -2.09 5.01 0.97
CA TYR A 46 -2.54 6.15 1.73
C TYR A 46 -4.02 6.07 2.04
N LYS A 47 -4.36 6.58 3.20
CA LYS A 47 -5.73 6.58 3.69
C LYS A 47 -6.12 7.99 4.14
N PRO A 48 -7.30 8.47 3.74
CA PRO A 48 -7.80 9.79 4.13
C PRO A 48 -8.03 9.89 5.64
N CYS A 49 -7.54 10.95 6.23
CA CYS A 49 -7.71 11.19 7.65
C CYS A 49 -8.14 12.64 7.84
N PRO A 50 -8.81 12.96 8.96
CA PRO A 50 -9.21 14.33 9.24
C PRO A 50 -8.00 15.21 9.56
N ARG A 1 -6.26 15.68 5.00
CA ARG A 1 -5.14 14.93 5.57
C ARG A 1 -5.01 13.58 4.90
N MET A 2 -3.79 13.12 4.75
CA MET A 2 -3.56 11.80 4.23
C MET A 2 -3.16 10.87 5.37
N CYS A 3 -3.72 9.69 5.38
CA CYS A 3 -3.42 8.72 6.41
C CYS A 3 -2.64 7.56 5.82
N LYS A 4 -1.54 7.21 6.48
CA LYS A 4 -0.64 6.19 5.99
C LYS A 4 -0.86 4.87 6.69
N THR A 5 -1.05 3.83 5.89
CA THR A 5 -1.22 2.50 6.42
C THR A 5 -0.50 1.48 5.53
N PRO A 6 0.31 0.58 6.12
CA PRO A 6 1.01 -0.46 5.35
C PRO A 6 0.01 -1.46 4.78
N SER A 7 0.31 -1.97 3.59
CA SER A 7 -0.56 -2.93 2.95
C SER A 7 -0.60 -4.22 3.77
N ALA A 8 -1.79 -4.64 4.17
CA ALA A 8 -1.93 -5.81 5.01
C ALA A 8 -2.16 -7.06 4.19
N LYS A 9 -2.93 -6.95 3.14
CA LYS A 9 -3.26 -8.10 2.31
C LYS A 9 -2.34 -8.17 1.10
N PHE A 10 -1.34 -7.32 1.06
CA PHE A 10 -0.36 -7.31 -0.01
C PHE A 10 1.03 -7.48 0.55
N LYS A 11 1.57 -8.67 0.45
CA LYS A 11 2.89 -8.97 0.97
C LYS A 11 3.67 -9.78 -0.04
N GLY A 12 4.93 -10.03 0.27
CA GLY A 12 5.76 -10.80 -0.62
C GLY A 12 6.54 -9.92 -1.57
N TYR A 13 6.10 -9.90 -2.81
CA TYR A 13 6.78 -9.10 -3.81
C TYR A 13 5.90 -7.95 -4.29
N CYS A 14 6.38 -6.75 -4.08
CA CYS A 14 5.69 -5.57 -4.56
C CYS A 14 5.95 -5.41 -6.04
N VAL A 15 5.21 -6.17 -6.84
CA VAL A 15 5.33 -6.15 -8.31
C VAL A 15 5.30 -4.72 -8.85
N SER A 16 4.32 -3.97 -8.40
CA SER A 16 4.18 -2.60 -8.82
C SER A 16 3.35 -1.84 -7.82
N SER A 17 3.34 -0.54 -7.94
CA SER A 17 2.52 0.26 -7.09
C SER A 17 1.06 0.03 -7.44
N THR A 18 0.81 -0.20 -8.73
CA THR A 18 -0.51 -0.48 -9.23
C THR A 18 -1.05 -1.75 -8.58
N ASN A 19 -0.25 -2.81 -8.60
CA ASN A 19 -0.62 -4.10 -8.00
C ASN A 19 -1.01 -3.88 -6.54
N CYS A 20 -0.20 -3.10 -5.84
CA CYS A 20 -0.45 -2.79 -4.45
C CYS A 20 -1.77 -2.05 -4.28
N LYS A 21 -2.05 -1.11 -5.18
CA LYS A 21 -3.28 -0.33 -5.15
C LYS A 21 -4.51 -1.22 -5.19
N ASN A 22 -4.50 -2.22 -6.09
CA ASN A 22 -5.64 -3.14 -6.22
C ASN A 22 -6.02 -3.74 -4.88
N VAL A 23 -5.01 -4.25 -4.18
CA VAL A 23 -5.21 -4.88 -2.90
C VAL A 23 -5.63 -3.87 -1.84
N CYS A 24 -4.92 -2.75 -1.79
CA CYS A 24 -5.22 -1.70 -0.83
C CYS A 24 -6.62 -1.14 -1.04
N ARG A 25 -7.05 -1.02 -2.28
CA ARG A 25 -8.39 -0.53 -2.59
C ARG A 25 -9.43 -1.52 -2.11
N THR A 26 -9.04 -2.78 -2.01
CA THR A 26 -9.90 -3.81 -1.49
C THR A 26 -10.01 -3.64 0.03
N GLU A 27 -8.89 -3.28 0.66
CA GLU A 27 -8.85 -3.04 2.10
C GLU A 27 -9.62 -1.76 2.45
N GLY A 28 -9.44 -0.73 1.64
CA GLY A 28 -10.13 0.52 1.87
C GLY A 28 -9.24 1.73 1.65
N PHE A 29 -8.17 1.55 0.90
CA PHE A 29 -7.23 2.62 0.62
C PHE A 29 -7.13 2.86 -0.89
N PRO A 30 -7.67 4.00 -1.37
CA PRO A 30 -7.68 4.33 -2.80
C PRO A 30 -6.29 4.52 -3.39
N THR A 31 -5.44 5.13 -2.60
CA THR A 31 -4.11 5.47 -3.03
C THR A 31 -3.08 4.47 -2.48
N GLY A 32 -2.15 4.06 -3.33
CA GLY A 32 -1.13 3.11 -2.93
C GLY A 32 0.24 3.49 -3.46
N SER A 33 1.27 3.23 -2.69
CA SER A 33 2.63 3.55 -3.08
C SER A 33 3.61 2.51 -2.54
N CYS A 34 4.44 1.96 -3.41
CA CYS A 34 5.38 0.93 -3.02
C CYS A 34 6.52 1.52 -2.19
N ASP A 35 6.94 0.80 -1.17
CA ASP A 35 7.99 1.27 -0.27
C ASP A 35 9.31 0.58 -0.61
N PHE A 36 10.36 0.93 0.11
CA PHE A 36 11.67 0.37 -0.14
C PHE A 36 11.87 -0.88 0.71
N HIS A 37 12.50 -1.87 0.11
CA HIS A 37 12.76 -3.14 0.79
C HIS A 37 13.81 -2.97 1.89
N ILE A 38 13.37 -3.04 3.13
CA ILE A 38 14.28 -2.96 4.26
C ILE A 38 14.65 -4.37 4.69
N THR A 39 13.78 -5.01 5.44
CA THR A 39 13.96 -6.38 5.83
C THR A 39 13.16 -7.26 4.88
N SER A 40 12.19 -6.63 4.25
CA SER A 40 11.32 -7.24 3.29
C SER A 40 10.81 -6.14 2.36
N ARG A 41 10.12 -6.51 1.30
CA ARG A 41 9.60 -5.52 0.38
C ARG A 41 8.23 -5.04 0.88
N LYS A 42 8.14 -3.75 1.16
CA LYS A 42 6.96 -3.18 1.78
C LYS A 42 6.16 -2.31 0.81
N CYS A 43 5.00 -1.86 1.27
CA CYS A 43 4.15 -0.97 0.50
C CYS A 43 3.29 -0.12 1.46
N TYR A 44 3.11 1.14 1.13
CA TYR A 44 2.30 2.04 1.95
C TYR A 44 1.14 2.59 1.15
N CYS A 45 -0.04 2.48 1.69
CA CYS A 45 -1.20 2.99 1.03
C CYS A 45 -1.83 4.10 1.85
N TYR A 46 -2.46 5.04 1.18
CA TYR A 46 -3.00 6.22 1.84
C TYR A 46 -4.52 6.28 1.76
N LYS A 47 -5.09 6.79 2.83
CA LYS A 47 -6.51 6.98 2.94
C LYS A 47 -6.80 8.46 3.13
N PRO A 48 -7.74 9.03 2.36
CA PRO A 48 -8.11 10.43 2.50
C PRO A 48 -8.90 10.69 3.79
N CYS A 49 -8.31 11.47 4.67
CA CYS A 49 -8.93 11.77 5.94
C CYS A 49 -9.26 13.26 6.04
N PRO A 50 -10.50 13.59 6.41
CA PRO A 50 -10.96 14.98 6.53
C PRO A 50 -10.23 15.72 7.64
#